data_8S86
#
_entry.id   8S86
#
_entity_poly.entity_id   1
_entity_poly.type   'polypeptide(L)'
_entity_poly.pdbx_seq_one_letter_code
;WEYGDLHLFGPNQRPAPCYDPCEAVLVESIPEGLDFPNASTGNPSTSQAWLGLLAGAHSSLDIASFYWTLTNNDTHTQEP
SAQQGEEVLRQLQTLAPKGVNVRIAVSKPSGPQPQADLQALLQSGAQVRMVDMQKLTHGVLHTKFWVVDQTHFYLGSANM
DWRSLTQVKELGVVMYNCSCLARDLTKIFEAYWFLGQAGSSIPSTWPRFYDTRYNQETPMEICLNGTPALAYLASAPPPL
CPSGRTPDLKALLNVVDNARSFIYVAVMNYLPTLEFSHPHRFWPAIDDGLRRATYERGVKVRLLISCWGHSEPSMRAFLL
SLAALRDNHTHSDIQVKLFVVPADEAQARIPYARVNHNKYMVTERATYIGTSNWSGNYFTETAGTSLLVTQNGRGGLRSQ
LEAIFLRDWDSPYSHDLDTSADSVGNACRLL
;
_entity_poly.pdbx_strand_id   A,B
#
# COMPACT_ATOMS: atom_id res chain seq x y z
N ASP A 20 -14.43 14.41 -38.48
CA ASP A 20 -15.10 13.11 -38.58
C ASP A 20 -16.24 13.01 -37.57
N PRO A 21 -17.39 12.52 -38.03
CA PRO A 21 -18.59 12.47 -37.19
C PRO A 21 -18.61 11.29 -36.24
N CYS A 22 -17.55 11.14 -35.46
CA CYS A 22 -17.32 9.95 -34.64
C CYS A 22 -18.53 9.69 -33.76
N GLU A 23 -19.10 8.51 -33.88
CA GLU A 23 -20.12 8.05 -32.93
C GLU A 23 -19.60 6.86 -32.15
N ALA A 24 -19.52 7.00 -30.84
CA ALA A 24 -19.18 5.88 -29.97
C ALA A 24 -20.47 5.23 -29.51
N VAL A 25 -20.64 3.95 -29.82
CA VAL A 25 -21.70 3.14 -29.24
C VAL A 25 -21.05 2.15 -28.29
N LEU A 26 -21.56 2.09 -27.06
CA LEU A 26 -21.18 1.01 -26.16
C LEU A 26 -21.98 -0.23 -26.49
N VAL A 27 -21.31 -1.24 -27.04
CA VAL A 27 -21.94 -2.51 -27.42
C VAL A 27 -21.56 -3.56 -26.38
N GLU A 28 -22.55 -4.29 -25.91
CA GLU A 28 -22.35 -5.23 -24.83
C GLU A 28 -22.87 -6.59 -25.22
N SER A 29 -22.04 -7.62 -25.08
CA SER A 29 -22.51 -8.98 -25.09
C SER A 29 -23.16 -9.26 -23.75
N ILE A 30 -24.41 -9.72 -23.78
CA ILE A 30 -25.10 -10.16 -22.58
C ILE A 30 -25.33 -11.67 -22.68
N PRO A 31 -24.97 -12.45 -21.66
CA PRO A 31 -25.24 -13.89 -21.70
C PRO A 31 -26.73 -14.16 -21.83
N GLU A 32 -27.06 -15.20 -22.58
CA GLU A 32 -28.45 -15.64 -22.68
C GLU A 32 -29.00 -15.95 -21.30
N GLY A 33 -30.16 -15.36 -20.99
CA GLY A 33 -30.76 -15.49 -19.68
C GLY A 33 -30.29 -14.49 -18.63
N LEU A 34 -29.37 -13.60 -19.00
CA LEU A 34 -28.95 -12.50 -18.12
C LEU A 34 -29.62 -11.21 -18.59
N ASP A 35 -30.32 -10.53 -17.69
CA ASP A 35 -31.07 -9.34 -18.07
C ASP A 35 -31.14 -8.36 -16.91
N PHE A 36 -31.29 -7.09 -17.25
CA PHE A 36 -31.19 -6.01 -16.27
C PHE A 36 -32.57 -5.46 -15.91
N PRO A 37 -32.94 -5.44 -14.63
CA PRO A 37 -34.23 -4.85 -14.24
C PRO A 37 -34.25 -3.34 -14.40
N ASN A 38 -33.09 -2.69 -14.46
CA ASN A 38 -33.01 -1.26 -14.74
C ASN A 38 -33.56 -0.91 -16.12
N ALA A 39 -33.60 -1.86 -17.05
CA ALA A 39 -33.94 -1.60 -18.44
C ALA A 39 -33.21 -0.38 -18.98
N SER A 40 -33.90 0.42 -19.79
CA SER A 40 -33.54 1.82 -20.03
C SER A 40 -32.10 1.98 -20.51
N THR A 41 -31.47 0.88 -20.93
CA THR A 41 -30.05 0.85 -21.24
C THR A 41 -29.79 0.02 -22.49
N GLY A 42 -30.76 -0.02 -23.40
CA GLY A 42 -30.64 -0.86 -24.57
C GLY A 42 -29.49 -0.41 -25.46
N ASN A 43 -28.76 -1.38 -25.99
CA ASN A 43 -27.58 -1.13 -26.80
C ASN A 43 -27.42 -2.28 -27.77
N PRO A 44 -26.62 -2.12 -28.82
CA PRO A 44 -26.31 -3.26 -29.68
C PRO A 44 -25.61 -4.37 -28.91
N SER A 45 -25.93 -5.61 -29.27
CA SER A 45 -25.07 -6.73 -28.91
C SER A 45 -23.77 -6.65 -29.68
N THR A 46 -22.72 -7.26 -29.11
CA THR A 46 -21.46 -7.36 -29.83
C THR A 46 -21.63 -8.15 -31.12
N SER A 47 -22.50 -9.15 -31.11
CA SER A 47 -22.86 -9.86 -32.33
C SER A 47 -23.42 -8.92 -33.40
N GLN A 48 -24.46 -8.15 -33.05
CA GLN A 48 -25.02 -7.18 -33.98
C GLN A 48 -23.98 -6.22 -34.53
N ALA A 49 -23.15 -5.66 -33.64
CA ALA A 49 -22.14 -4.70 -34.05
C ALA A 49 -21.07 -5.33 -34.94
N TRP A 50 -20.66 -6.56 -34.61
CA TRP A 50 -19.69 -7.28 -35.44
C TRP A 50 -20.26 -7.65 -36.80
N LEU A 51 -21.45 -8.25 -36.83
CA LEU A 51 -22.09 -8.55 -38.11
C LEU A 51 -22.31 -7.32 -38.97
N GLY A 52 -22.70 -6.20 -38.38
CA GLY A 52 -22.75 -4.94 -39.12
C GLY A 52 -21.41 -4.46 -39.62
N LEU A 53 -20.38 -4.55 -38.77
CA LEU A 53 -19.03 -4.20 -39.18
C LEU A 53 -18.54 -5.06 -40.34
N LEU A 54 -18.81 -6.35 -40.28
CA LEU A 54 -18.45 -7.26 -41.38
C LEU A 54 -19.22 -6.93 -42.65
N ALA A 55 -20.56 -6.85 -42.55
CA ALA A 55 -21.38 -6.53 -43.72
C ALA A 55 -20.99 -5.22 -44.36
N GLY A 56 -20.56 -4.25 -43.57
CA GLY A 56 -20.09 -3.00 -44.14
C GLY A 56 -18.68 -3.05 -44.66
N ALA A 57 -17.86 -3.99 -44.17
CA ALA A 57 -16.45 -3.98 -44.51
C ALA A 57 -16.26 -4.21 -46.00
N HIS A 58 -15.32 -3.47 -46.58
CA HIS A 58 -15.08 -3.54 -48.02
C HIS A 58 -13.61 -3.44 -48.41
N SER A 59 -12.72 -3.02 -47.52
CA SER A 59 -11.29 -2.93 -47.83
C SER A 59 -10.43 -3.74 -46.88
N SER A 60 -10.66 -3.65 -45.56
CA SER A 60 -9.78 -4.33 -44.62
C SER A 60 -10.53 -4.69 -43.36
N LEU A 61 -10.00 -5.69 -42.67
CA LEU A 61 -10.42 -6.03 -41.31
C LEU A 61 -9.18 -6.49 -40.56
N ASP A 62 -8.64 -5.64 -39.70
CA ASP A 62 -7.63 -6.07 -38.75
C ASP A 62 -8.33 -6.58 -37.50
N ILE A 63 -7.74 -7.56 -36.85
CA ILE A 63 -8.28 -8.00 -35.57
C ILE A 63 -7.17 -8.62 -34.74
N ALA A 64 -7.08 -8.18 -33.48
CA ALA A 64 -6.26 -8.83 -32.46
C ALA A 64 -7.16 -9.67 -31.56
N SER A 65 -6.72 -10.89 -31.26
CA SER A 65 -7.56 -11.89 -30.60
C SER A 65 -6.69 -12.71 -29.66
N PHE A 66 -7.30 -13.16 -28.57
CA PHE A 66 -6.66 -14.07 -27.63
C PHE A 66 -6.62 -15.48 -28.20
N TYR A 67 -7.79 -16.02 -28.53
CA TYR A 67 -7.90 -17.35 -29.10
C TYR A 67 -9.17 -17.40 -29.92
N TRP A 68 -9.25 -18.37 -30.82
CA TRP A 68 -10.42 -18.55 -31.66
C TRP A 68 -11.14 -19.81 -31.22
N THR A 69 -12.44 -19.69 -31.01
CA THR A 69 -13.28 -20.84 -30.64
C THR A 69 -14.69 -20.51 -31.11
N LEU A 70 -14.83 -20.26 -32.42
CA LEU A 70 -16.12 -19.89 -32.98
C LEU A 70 -17.01 -21.09 -33.25
N THR A 71 -16.48 -22.15 -33.82
CA THR A 71 -17.29 -23.33 -34.10
C THR A 71 -17.45 -24.20 -32.86
N ASN A 72 -18.64 -24.79 -32.74
CA ASN A 72 -18.89 -25.84 -31.75
C ASN A 72 -17.85 -26.94 -31.77
N ASN A 73 -17.52 -27.46 -32.95
CA ASN A 73 -16.53 -28.53 -33.04
C ASN A 73 -15.16 -28.06 -32.55
N ASP A 74 -14.82 -26.80 -32.81
CA ASP A 74 -13.58 -26.24 -32.29
C ASP A 74 -13.63 -26.01 -30.79
N THR A 75 -14.81 -26.07 -30.19
CA THR A 75 -14.97 -26.10 -28.75
C THR A 75 -14.98 -27.53 -28.19
N HIS A 76 -15.26 -28.52 -29.06
CA HIS A 76 -15.69 -29.86 -28.65
C HIS A 76 -16.99 -29.82 -27.84
N THR A 77 -17.91 -28.96 -28.28
CA THR A 77 -19.24 -28.80 -27.69
C THR A 77 -20.26 -28.87 -28.82
N GLN A 78 -21.53 -29.01 -28.44
CA GLN A 78 -22.62 -28.99 -29.42
C GLN A 78 -23.81 -28.19 -28.89
N GLU A 79 -23.59 -26.89 -28.67
CA GLU A 79 -24.61 -26.00 -28.15
C GLU A 79 -25.09 -25.05 -29.26
N PRO A 80 -26.40 -24.86 -29.39
CA PRO A 80 -26.93 -24.10 -30.52
C PRO A 80 -26.45 -22.65 -30.59
N SER A 81 -26.22 -22.02 -29.44
CA SER A 81 -25.75 -20.64 -29.36
C SER A 81 -24.35 -20.43 -29.92
N ALA A 82 -23.69 -21.46 -30.45
CA ALA A 82 -22.52 -21.20 -31.26
C ALA A 82 -22.87 -20.49 -32.57
N GLN A 83 -24.15 -20.56 -32.98
CA GLN A 83 -24.55 -20.10 -34.30
C GLN A 83 -24.13 -18.66 -34.59
N GLN A 84 -24.26 -17.77 -33.59
CA GLN A 84 -23.86 -16.38 -33.81
C GLN A 84 -22.37 -16.27 -34.12
N GLY A 85 -21.55 -17.07 -33.47
CA GLY A 85 -20.14 -17.09 -33.82
C GLY A 85 -19.89 -17.78 -35.15
N GLU A 86 -20.67 -18.83 -35.43
CA GLU A 86 -20.54 -19.51 -36.71
C GLU A 86 -21.04 -18.65 -37.86
N GLU A 87 -22.06 -17.85 -37.61
CA GLU A 87 -22.44 -16.83 -38.58
C GLU A 87 -21.30 -15.85 -38.79
N VAL A 88 -20.70 -15.37 -37.70
CA VAL A 88 -19.52 -14.54 -37.82
C VAL A 88 -18.45 -15.29 -38.62
N LEU A 89 -18.29 -16.58 -38.33
CA LEU A 89 -17.31 -17.36 -39.07
C LEU A 89 -17.71 -17.46 -40.53
N ARG A 90 -18.98 -17.79 -40.79
CA ARG A 90 -19.45 -17.81 -42.16
C ARG A 90 -19.18 -16.47 -42.83
N GLN A 91 -19.50 -15.38 -42.14
CA GLN A 91 -19.26 -14.07 -42.74
C GLN A 91 -17.78 -13.80 -42.93
N LEU A 92 -16.96 -14.19 -41.95
CA LEU A 92 -15.52 -14.15 -42.15
C LEU A 92 -15.09 -14.99 -43.35
N GLN A 93 -15.72 -16.16 -43.52
CA GLN A 93 -15.45 -16.97 -44.71
C GLN A 93 -15.90 -16.30 -45.99
N THR A 94 -16.88 -15.40 -45.92
CA THR A 94 -17.21 -14.58 -47.09
C THR A 94 -16.27 -13.40 -47.28
N LEU A 95 -15.67 -12.87 -46.21
CA LEU A 95 -14.90 -11.62 -46.33
C LEU A 95 -13.72 -11.75 -47.28
N ALA A 96 -12.92 -12.80 -47.14
CA ALA A 96 -11.73 -12.96 -47.97
C ALA A 96 -12.00 -13.15 -49.47
N PRO A 97 -12.99 -13.97 -49.88
CA PRO A 97 -13.36 -13.97 -51.30
C PRO A 97 -14.07 -12.71 -51.77
N LYS A 98 -14.78 -11.99 -50.88
CA LYS A 98 -15.25 -10.65 -51.20
C LYS A 98 -14.11 -9.67 -51.45
N GLY A 99 -12.89 -10.00 -51.06
CA GLY A 99 -11.77 -9.11 -51.24
C GLY A 99 -11.38 -8.32 -50.01
N VAL A 100 -11.97 -8.59 -48.86
CA VAL A 100 -11.58 -7.93 -47.62
C VAL A 100 -10.25 -8.51 -47.16
N ASN A 101 -9.26 -7.64 -46.96
CA ASN A 101 -7.96 -8.07 -46.43
C ASN A 101 -8.09 -8.40 -44.96
N VAL A 102 -8.63 -9.58 -44.69
CA VAL A 102 -8.64 -10.12 -43.33
C VAL A 102 -7.23 -10.49 -42.90
N ARG A 103 -6.80 -9.95 -41.77
CA ARG A 103 -5.55 -10.35 -41.15
C ARG A 103 -5.77 -10.51 -39.65
N ILE A 104 -5.18 -11.55 -39.07
CA ILE A 104 -5.40 -11.89 -37.66
C ILE A 104 -4.06 -12.07 -36.99
N ALA A 105 -3.90 -11.49 -35.80
CA ALA A 105 -2.87 -11.90 -34.86
C ALA A 105 -3.54 -12.68 -33.75
N VAL A 106 -2.98 -13.86 -33.43
CA VAL A 106 -3.55 -14.75 -32.42
C VAL A 106 -2.44 -15.23 -31.52
N SER A 107 -2.76 -15.43 -30.24
CA SER A 107 -1.80 -15.96 -29.28
C SER A 107 -1.45 -17.42 -29.62
N LYS A 108 -0.16 -17.69 -29.78
CA LYS A 108 0.31 -19.04 -30.01
C LYS A 108 -0.01 -19.92 -28.81
N PRO A 109 -0.79 -21.01 -28.98
CA PRO A 109 -1.28 -21.79 -27.84
C PRO A 109 -0.18 -22.59 -27.15
N ALA A 116 -8.78 -25.05 -35.41
CA ALA A 116 -9.31 -25.43 -36.71
C ALA A 116 -9.90 -24.24 -37.45
N ASP A 117 -10.55 -23.33 -36.69
CA ASP A 117 -11.20 -22.18 -37.30
C ASP A 117 -10.19 -21.32 -38.06
N LEU A 118 -8.99 -21.19 -37.53
CA LEU A 118 -7.94 -20.46 -38.25
C LEU A 118 -7.49 -21.19 -39.50
N GLN A 119 -7.59 -22.52 -39.52
CA GLN A 119 -7.32 -23.24 -40.75
C GLN A 119 -8.44 -23.06 -41.77
N ALA A 120 -9.69 -23.08 -41.33
CA ALA A 120 -10.80 -22.75 -42.23
C ALA A 120 -10.67 -21.35 -42.81
N LEU A 121 -10.21 -20.38 -42.00
CA LEU A 121 -9.94 -19.05 -42.50
C LEU A 121 -8.77 -19.01 -43.48
N LEU A 122 -7.70 -19.74 -43.21
CA LEU A 122 -6.60 -19.83 -44.16
C LEU A 122 -7.05 -20.47 -45.48
N GLN A 123 -7.94 -21.46 -45.40
CA GLN A 123 -8.56 -21.99 -46.60
C GLN A 123 -9.37 -20.92 -47.32
N SER A 124 -10.06 -20.05 -46.57
CA SER A 124 -10.80 -18.96 -47.17
C SER A 124 -9.89 -17.86 -47.73
N GLY A 125 -8.62 -17.86 -47.34
CA GLY A 125 -7.68 -16.83 -47.73
C GLY A 125 -7.44 -15.77 -46.68
N ALA A 126 -8.05 -15.90 -45.51
CA ALA A 126 -7.79 -15.00 -44.39
C ALA A 126 -6.44 -15.32 -43.76
N GLN A 127 -5.60 -14.29 -43.63
CA GLN A 127 -4.26 -14.48 -43.09
C GLN A 127 -4.31 -14.66 -41.57
N VAL A 128 -3.41 -15.49 -41.07
CA VAL A 128 -3.27 -15.73 -39.63
C VAL A 128 -1.80 -15.71 -39.27
N ARG A 129 -1.48 -15.08 -38.14
CA ARG A 129 -0.16 -15.14 -37.54
C ARG A 129 -0.29 -15.51 -36.07
N MET A 130 0.60 -16.38 -35.61
CA MET A 130 0.61 -16.86 -34.23
C MET A 130 1.70 -16.15 -33.44
N VAL A 131 1.35 -15.60 -32.29
CA VAL A 131 2.22 -14.74 -31.50
C VAL A 131 2.73 -15.53 -30.30
N ASP A 132 4.05 -15.66 -30.20
CA ASP A 132 4.73 -16.39 -29.12
C ASP A 132 4.95 -15.48 -27.91
N MET A 133 3.84 -14.97 -27.36
CA MET A 133 3.92 -14.08 -26.20
C MET A 133 4.60 -14.72 -25.00
N GLN A 134 4.46 -16.04 -24.82
CA GLN A 134 5.13 -16.72 -23.72
C GLN A 134 6.65 -16.71 -23.86
N LYS A 135 7.15 -16.77 -25.10
CA LYS A 135 8.57 -16.55 -25.34
C LYS A 135 8.93 -15.08 -25.18
N LEU A 136 8.14 -14.18 -25.76
CA LEU A 136 8.56 -12.79 -25.90
C LEU A 136 8.57 -12.07 -24.56
N THR A 137 7.50 -12.21 -23.76
CA THR A 137 7.37 -11.42 -22.54
C THR A 137 6.72 -12.22 -21.42
N HIS A 138 6.66 -13.54 -21.54
CA HIS A 138 6.14 -14.43 -20.49
C HIS A 138 4.66 -14.19 -20.24
N GLY A 139 3.91 -13.83 -21.27
CA GLY A 139 2.47 -13.65 -21.14
C GLY A 139 1.69 -14.13 -22.33
N VAL A 140 0.52 -13.54 -22.57
CA VAL A 140 -0.36 -13.93 -23.65
C VAL A 140 -0.79 -12.69 -24.42
N LEU A 141 -1.40 -12.93 -25.59
CA LEU A 141 -2.00 -11.86 -26.39
C LEU A 141 -3.47 -11.68 -26.01
N HIS A 142 -3.68 -11.24 -24.79
CA HIS A 142 -5.02 -11.17 -24.24
C HIS A 142 -5.88 -10.00 -24.85
N THR A 143 -5.43 -9.26 -25.85
CA THR A 143 -6.24 -8.21 -26.46
C THR A 143 -7.43 -8.78 -27.25
N LYS A 144 -8.50 -8.00 -27.30
CA LYS A 144 -9.69 -8.32 -28.10
C LYS A 144 -10.12 -7.04 -28.81
N PHE A 145 -9.77 -6.87 -30.09
CA PHE A 145 -10.29 -5.72 -30.78
C PHE A 145 -10.28 -5.93 -32.29
N TRP A 146 -11.15 -5.16 -32.97
CA TRP A 146 -11.30 -5.14 -34.42
C TRP A 146 -11.06 -3.72 -34.92
N VAL A 147 -10.58 -3.62 -36.16
CA VAL A 147 -10.52 -2.35 -36.89
C VAL A 147 -11.01 -2.58 -38.31
N VAL A 148 -12.11 -1.92 -38.68
CA VAL A 148 -12.78 -2.07 -39.97
C VAL A 148 -12.47 -0.87 -40.85
N ASP A 149 -11.99 -1.15 -42.06
CA ASP A 149 -11.66 -0.17 -43.09
C ASP A 149 -10.80 0.99 -42.58
N GLN A 150 -10.11 0.79 -41.47
CA GLN A 150 -9.45 1.87 -40.73
C GLN A 150 -10.40 3.03 -40.47
N THR A 151 -11.67 2.73 -40.29
CA THR A 151 -12.70 3.76 -40.16
C THR A 151 -13.67 3.50 -39.02
N HIS A 152 -13.86 2.25 -38.61
CA HIS A 152 -14.59 1.91 -37.41
C HIS A 152 -13.66 1.01 -36.60
N PHE A 153 -13.93 0.90 -35.30
CA PHE A 153 -13.27 -0.13 -34.54
C PHE A 153 -14.17 -0.62 -33.43
N TYR A 154 -13.93 -1.86 -33.02
CA TYR A 154 -14.43 -2.37 -31.75
C TYR A 154 -13.23 -2.57 -30.83
N LEU A 155 -13.33 -2.05 -29.61
CA LEU A 155 -12.34 -2.35 -28.57
C LEU A 155 -13.09 -2.79 -27.33
N GLY A 156 -12.64 -3.87 -26.71
CA GLY A 156 -13.33 -4.34 -25.53
C GLY A 156 -12.87 -5.70 -25.08
N SER A 157 -13.77 -6.40 -24.39
CA SER A 157 -13.46 -7.68 -23.80
C SER A 157 -13.90 -8.90 -24.61
N ALA A 158 -14.80 -8.74 -25.59
CA ALA A 158 -15.34 -9.90 -26.30
C ALA A 158 -14.26 -10.64 -27.09
N ASN A 159 -14.03 -11.90 -26.73
CA ASN A 159 -13.11 -12.77 -27.45
C ASN A 159 -13.70 -13.24 -28.77
N MET A 160 -12.82 -13.67 -29.66
CA MET A 160 -13.25 -14.30 -30.91
C MET A 160 -13.78 -15.69 -30.69
N ASP A 161 -14.92 -15.79 -30.04
CA ASP A 161 -15.32 -16.99 -29.33
C ASP A 161 -16.83 -16.89 -29.18
N TRP A 162 -17.55 -17.89 -29.64
CA TRP A 162 -19.01 -17.85 -29.56
C TRP A 162 -19.47 -17.70 -28.11
N ARG A 163 -18.65 -18.11 -27.15
CA ARG A 163 -19.03 -17.93 -25.75
C ARG A 163 -18.93 -16.47 -25.36
N SER A 164 -17.97 -15.74 -25.93
CA SER A 164 -17.93 -14.29 -25.74
C SER A 164 -19.20 -13.65 -26.28
N LEU A 165 -19.58 -14.03 -27.50
CA LEU A 165 -20.70 -13.39 -28.15
C LEU A 165 -22.04 -13.75 -27.53
N THR A 166 -22.12 -14.83 -26.75
CA THR A 166 -23.43 -15.14 -26.18
C THR A 166 -23.43 -15.90 -24.86
N GLN A 167 -22.27 -16.15 -24.24
CA GLN A 167 -22.26 -16.89 -22.98
C GLN A 167 -21.48 -16.22 -21.86
N VAL A 168 -20.63 -15.23 -22.14
CA VAL A 168 -20.03 -14.38 -21.13
C VAL A 168 -20.40 -12.94 -21.43
N LYS A 169 -20.61 -12.15 -20.37
CA LYS A 169 -20.87 -10.73 -20.55
C LYS A 169 -19.60 -9.97 -20.93
N GLU A 170 -19.71 -9.18 -21.99
CA GLU A 170 -18.58 -8.43 -22.53
C GLU A 170 -19.00 -6.99 -22.74
N LEU A 171 -18.15 -6.04 -22.37
CA LEU A 171 -18.37 -4.65 -22.76
C LEU A 171 -17.29 -4.24 -23.74
N GLY A 172 -17.69 -3.49 -24.78
CA GLY A 172 -16.73 -2.76 -25.56
C GLY A 172 -17.37 -1.54 -26.19
N VAL A 173 -16.51 -0.67 -26.72
CA VAL A 173 -16.95 0.46 -27.53
C VAL A 173 -16.70 0.15 -28.99
N VAL A 174 -17.72 0.36 -29.82
CA VAL A 174 -17.56 0.46 -31.26
C VAL A 174 -17.64 1.94 -31.61
N MET A 175 -16.58 2.47 -32.21
CA MET A 175 -16.59 3.87 -32.61
C MET A 175 -16.69 3.98 -34.13
N TYR A 176 -17.92 4.18 -34.58
CA TYR A 176 -18.24 4.31 -36.00
C TYR A 176 -17.80 5.67 -36.53
N ASN A 177 -17.51 5.71 -37.83
CA ASN A 177 -17.07 6.90 -38.55
C ASN A 177 -15.90 7.60 -37.87
N CYS A 178 -15.11 6.84 -37.11
CA CYS A 178 -14.11 7.37 -36.18
C CYS A 178 -12.70 7.16 -36.73
N SER A 179 -12.52 7.46 -38.02
CA SER A 179 -11.35 7.03 -38.78
C SER A 179 -10.02 7.35 -38.09
N CYS A 180 -9.91 8.55 -37.52
CA CYS A 180 -8.66 8.93 -36.85
C CYS A 180 -8.34 8.07 -35.62
N LEU A 181 -9.35 7.51 -34.95
CA LEU A 181 -9.06 6.69 -33.77
C LEU A 181 -8.94 5.21 -34.08
N ALA A 182 -9.78 4.69 -34.98
CA ALA A 182 -9.59 3.37 -35.55
C ALA A 182 -8.21 3.23 -36.19
N ARG A 183 -7.78 4.25 -36.94
CA ARG A 183 -6.46 4.30 -37.52
C ARG A 183 -5.33 4.31 -36.48
N ASP A 184 -5.61 4.52 -35.21
CA ASP A 184 -4.61 4.29 -34.17
C ASP A 184 -4.74 2.95 -33.46
N LEU A 185 -5.96 2.42 -33.34
CA LEU A 185 -6.08 1.08 -32.79
C LEU A 185 -5.49 0.04 -33.73
N THR A 186 -5.66 0.24 -35.04
CA THR A 186 -5.08 -0.71 -36.02
C THR A 186 -3.60 -0.82 -35.78
N LYS A 187 -2.94 0.29 -35.43
CA LYS A 187 -1.48 0.30 -35.19
C LYS A 187 -1.14 -0.63 -34.01
N ILE A 188 -2.01 -0.63 -32.98
CA ILE A 188 -1.78 -1.52 -31.79
C ILE A 188 -1.77 -2.98 -32.27
N PHE A 189 -2.69 -3.35 -33.14
CA PHE A 189 -2.72 -4.73 -33.71
C PHE A 189 -1.45 -4.96 -34.52
N GLU A 190 -1.02 -3.93 -35.26
CA GLU A 190 0.18 -4.07 -36.12
C GLU A 190 1.36 -4.54 -35.26
N ALA A 191 1.48 -4.02 -34.03
CA ALA A 191 2.57 -4.45 -33.12
C ALA A 191 2.48 -5.97 -32.91
N TYR A 192 1.27 -6.47 -32.64
CA TYR A 192 1.07 -7.93 -32.46
C TYR A 192 1.39 -8.62 -33.79
N TRP A 193 0.75 -8.16 -34.86
CA TRP A 193 1.01 -8.72 -36.19
C TRP A 193 2.51 -8.89 -36.47
N PHE A 194 3.34 -7.98 -36.00
CA PHE A 194 4.80 -8.13 -36.16
C PHE A 194 5.41 -9.13 -35.18
N LEU A 195 4.91 -9.20 -33.94
CA LEU A 195 5.37 -10.23 -33.01
C LEU A 195 5.06 -11.64 -33.50
N GLY A 196 3.89 -11.85 -34.07
CA GLY A 196 3.55 -13.18 -34.55
C GLY A 196 4.20 -13.61 -35.83
N GLN A 197 5.05 -12.77 -36.41
CA GLN A 197 5.76 -13.10 -37.65
C GLN A 197 6.68 -14.29 -37.47
N TRP A 206 10.47 0.72 -30.53
CA TRP A 206 9.76 0.46 -31.79
C TRP A 206 10.15 1.51 -32.82
N PRO A 207 10.10 1.14 -34.11
CA PRO A 207 10.33 2.13 -35.16
C PRO A 207 9.20 3.14 -35.26
N ARG A 208 9.53 4.28 -35.88
CA ARG A 208 8.68 5.47 -35.85
C ARG A 208 7.26 5.18 -36.35
N PHE A 209 7.10 4.18 -37.22
CA PHE A 209 5.77 3.74 -37.63
C PHE A 209 4.82 3.53 -36.46
N TYR A 210 5.31 3.05 -35.32
CA TYR A 210 4.44 2.74 -34.19
C TYR A 210 4.16 3.94 -33.29
N ASP A 211 4.90 5.03 -33.42
CA ASP A 211 4.74 6.16 -32.51
C ASP A 211 3.32 6.74 -32.57
N THR A 212 2.88 7.27 -31.43
CA THR A 212 1.53 7.75 -31.22
C THR A 212 1.62 9.15 -30.62
N ARG A 213 0.85 10.08 -31.16
CA ARG A 213 0.68 11.41 -30.59
C ARG A 213 -0.44 11.49 -29.56
N TYR A 214 -1.50 10.71 -29.75
CA TYR A 214 -2.74 10.85 -28.99
C TYR A 214 -2.69 9.95 -27.76
N ASN A 215 -2.37 10.56 -26.61
CA ASN A 215 -2.01 9.82 -25.40
C ASN A 215 -2.58 10.57 -24.20
N GLN A 216 -2.13 10.18 -23.00
CA GLN A 216 -2.66 10.79 -21.77
C GLN A 216 -2.21 12.23 -21.58
N GLU A 217 -1.04 12.61 -22.10
CA GLU A 217 -0.64 14.00 -21.99
C GLU A 217 -1.37 14.90 -22.98
N THR A 218 -1.61 14.42 -24.19
CA THR A 218 -2.29 15.19 -25.24
C THR A 218 -3.21 14.25 -26.01
N PRO A 219 -4.42 14.01 -25.49
CA PRO A 219 -5.39 13.23 -26.24
C PRO A 219 -5.80 13.90 -27.55
N MET A 220 -6.48 13.12 -28.39
CA MET A 220 -7.04 13.62 -29.64
C MET A 220 -8.36 14.33 -29.38
N GLU A 221 -8.60 15.38 -30.16
CA GLU A 221 -9.88 16.08 -30.24
C GLU A 221 -10.83 15.31 -31.17
N ILE A 222 -11.91 14.77 -30.63
CA ILE A 222 -12.89 14.03 -31.42
C ILE A 222 -14.27 14.60 -31.14
N CYS A 223 -15.09 14.71 -32.19
CA CYS A 223 -16.44 15.22 -32.02
C CYS A 223 -17.44 14.08 -31.76
N LEU A 224 -17.20 13.39 -30.64
CA LEU A 224 -17.97 12.20 -30.30
C LEU A 224 -19.45 12.55 -30.14
N ASN A 225 -20.29 11.98 -31.01
CA ASN A 225 -21.72 12.28 -31.06
C ASN A 225 -22.02 13.78 -31.12
N GLY A 226 -21.12 14.54 -31.73
CA GLY A 226 -21.28 15.97 -31.87
C GLY A 226 -20.90 16.81 -30.67
N THR A 227 -20.53 16.19 -29.55
CA THR A 227 -20.05 16.90 -28.38
C THR A 227 -18.55 16.66 -28.26
N PRO A 228 -17.73 17.71 -28.16
CA PRO A 228 -16.28 17.51 -28.12
C PRO A 228 -15.87 16.55 -27.01
N ALA A 229 -14.82 15.78 -27.29
CA ALA A 229 -14.21 14.89 -26.32
C ALA A 229 -12.72 14.80 -26.60
N LEU A 230 -11.97 14.43 -25.57
CA LEU A 230 -10.55 14.11 -25.67
C LEU A 230 -10.39 12.60 -25.51
N ALA A 231 -9.73 11.95 -26.45
CA ALA A 231 -9.66 10.49 -26.44
C ALA A 231 -8.25 10.03 -26.77
N TYR A 232 -7.80 8.97 -26.10
CA TYR A 232 -6.50 8.37 -26.42
C TYR A 232 -6.50 6.88 -26.12
N LEU A 233 -5.60 6.17 -26.80
CA LEU A 233 -5.43 4.73 -26.64
C LEU A 233 -4.10 4.43 -25.95
N ALA A 234 -4.14 3.51 -24.98
CA ALA A 234 -2.98 3.05 -24.23
C ALA A 234 -2.80 1.54 -24.40
N SER A 235 -1.56 1.08 -24.33
CA SER A 235 -1.23 -0.34 -24.41
C SER A 235 -0.49 -0.81 -23.17
N ALA A 236 -0.61 -2.12 -22.86
CA ALA A 236 -0.43 -2.62 -21.50
C ALA A 236 1.01 -3.01 -21.14
N PRO A 237 1.71 -3.82 -21.94
CA PRO A 237 3.09 -4.19 -21.58
C PRO A 237 4.10 -3.23 -22.17
N PRO A 238 4.95 -2.64 -21.32
CA PRO A 238 5.90 -1.60 -21.77
C PRO A 238 6.73 -1.99 -22.98
N PRO A 239 7.04 -3.28 -23.22
CA PRO A 239 7.66 -3.61 -24.52
C PRO A 239 6.78 -3.32 -25.72
N LEU A 240 5.46 -3.37 -25.57
CA LEU A 240 4.51 -3.07 -26.63
C LEU A 240 3.93 -1.67 -26.52
N CYS A 241 4.57 -0.78 -25.77
CA CYS A 241 4.26 0.64 -25.83
C CYS A 241 5.37 1.39 -26.53
N PRO A 242 5.15 1.86 -27.75
CA PRO A 242 6.17 2.68 -28.42
C PRO A 242 6.28 4.04 -27.75
N SER A 243 7.24 4.82 -28.24
CA SER A 243 7.39 6.19 -27.78
C SER A 243 6.12 6.98 -28.06
N GLY A 244 5.69 7.77 -27.07
CA GLY A 244 4.47 8.54 -27.16
C GLY A 244 3.19 7.76 -26.91
N ARG A 245 3.24 6.44 -26.84
CA ARG A 245 2.12 5.67 -26.32
C ARG A 245 2.12 5.74 -24.81
N THR A 246 0.99 6.09 -24.22
CA THR A 246 0.86 5.99 -22.77
C THR A 246 0.75 4.53 -22.35
N PRO A 247 1.48 4.09 -21.33
CA PRO A 247 1.24 2.77 -20.76
C PRO A 247 -0.14 2.67 -20.13
N ASP A 248 -0.80 1.53 -20.37
CA ASP A 248 -2.16 1.32 -19.89
C ASP A 248 -2.28 1.52 -18.38
N LEU A 249 -1.23 1.13 -17.65
CA LEU A 249 -1.24 1.35 -16.18
C LEU A 249 -1.13 2.86 -15.90
N LYS A 250 -0.23 3.56 -16.61
CA LYS A 250 -0.05 5.02 -16.41
C LYS A 250 -1.38 5.73 -16.66
N ALA A 251 -2.04 5.44 -17.78
CA ALA A 251 -3.34 6.09 -18.11
C ALA A 251 -4.35 5.75 -17.02
N LEU A 252 -4.42 4.50 -16.55
CA LEU A 252 -5.35 4.05 -15.49
C LEU A 252 -5.07 4.74 -14.15
N LEU A 253 -3.81 4.85 -13.72
CA LEU A 253 -3.43 5.56 -12.50
C LEU A 253 -3.65 7.06 -12.62
N ASN A 254 -3.38 7.66 -13.76
CA ASN A 254 -3.63 9.12 -13.95
C ASN A 254 -5.12 9.39 -13.80
N VAL A 255 -5.96 8.57 -14.46
CA VAL A 255 -7.44 8.73 -14.35
C VAL A 255 -7.81 8.63 -12.86
N VAL A 256 -7.28 7.67 -12.12
CA VAL A 256 -7.52 7.49 -10.67
C VAL A 256 -7.03 8.68 -9.85
N ASP A 257 -5.88 9.26 -10.16
CA ASP A 257 -5.35 10.41 -9.44
C ASP A 257 -5.91 11.76 -9.90
N ASN A 258 -6.55 11.87 -11.09
CA ASN A 258 -7.25 13.08 -11.49
C ASN A 258 -8.69 13.15 -11.01
N ALA A 259 -9.28 12.05 -10.54
CA ALA A 259 -10.65 12.04 -10.05
C ALA A 259 -10.83 13.01 -8.88
N ARG A 260 -12.02 13.57 -8.72
CA ARG A 260 -12.35 14.44 -7.58
C ARG A 260 -13.64 14.08 -6.87
N SER A 261 -14.52 13.25 -7.45
CA SER A 261 -15.79 12.95 -6.80
C SER A 261 -16.06 11.46 -6.69
N PHE A 262 -15.90 10.70 -7.78
CA PHE A 262 -16.04 9.26 -7.69
C PHE A 262 -15.09 8.57 -8.66
N ILE A 263 -14.72 7.34 -8.33
CA ILE A 263 -14.06 6.38 -9.23
C ILE A 263 -14.90 5.11 -9.23
N TYR A 264 -15.52 4.72 -10.34
CA TYR A 264 -16.23 3.46 -10.49
C TYR A 264 -15.45 2.53 -11.39
N VAL A 265 -15.15 1.28 -11.01
CA VAL A 265 -14.28 0.35 -11.77
C VAL A 265 -14.88 -1.04 -11.79
N ALA A 266 -15.34 -1.57 -12.92
CA ALA A 266 -15.70 -2.97 -13.06
C ALA A 266 -14.64 -3.67 -13.89
N VAL A 267 -14.03 -4.71 -13.32
CA VAL A 267 -12.91 -5.40 -13.97
C VAL A 267 -12.98 -6.86 -13.59
N MET A 268 -12.53 -7.75 -14.48
CA MET A 268 -12.64 -9.18 -14.19
C MET A 268 -11.76 -9.59 -13.03
N ASN A 269 -10.44 -9.43 -13.18
CA ASN A 269 -9.49 -9.77 -12.12
C ASN A 269 -8.77 -8.54 -11.62
N TYR A 270 -8.69 -8.34 -10.31
CA TYR A 270 -7.89 -7.30 -9.69
C TYR A 270 -6.92 -7.96 -8.72
N LEU A 271 -5.67 -8.12 -9.12
CA LEU A 271 -4.65 -8.69 -8.21
C LEU A 271 -3.51 -7.68 -8.01
N PRO A 272 -3.30 -7.14 -6.79
CA PRO A 272 -2.19 -6.24 -6.54
C PRO A 272 -0.90 -7.04 -6.46
N THR A 273 -0.72 -7.98 -7.40
CA THR A 273 0.50 -8.82 -7.45
C THR A 273 0.83 -9.12 -8.89
N LEU A 274 2.09 -9.40 -9.19
CA LEU A 274 2.51 -9.75 -10.57
C LEU A 274 2.01 -11.17 -10.90
N GLU A 275 0.72 -11.42 -10.68
CA GLU A 275 0.14 -12.77 -10.93
C GLU A 275 0.75 -13.35 -12.22
N PRO A 279 7.12 -17.19 -8.44
CA PRO A 279 7.73 -16.84 -7.16
C PRO A 279 7.26 -15.48 -6.68
N HIS A 280 6.61 -15.48 -5.51
CA HIS A 280 5.64 -14.45 -5.15
C HIS A 280 6.23 -13.06 -5.28
N ARG A 281 5.47 -12.16 -5.91
CA ARG A 281 5.91 -10.75 -6.05
C ARG A 281 4.83 -9.81 -5.49
N PHE A 282 4.98 -8.50 -5.70
CA PHE A 282 3.99 -7.52 -5.17
C PHE A 282 3.68 -6.48 -6.24
N TRP A 283 2.41 -6.10 -6.38
CA TRP A 283 1.99 -5.10 -7.39
C TRP A 283 0.98 -4.13 -6.75
N PRO A 284 1.41 -3.29 -5.80
CA PRO A 284 0.53 -2.35 -5.11
C PRO A 284 0.21 -1.10 -5.96
N ALA A 285 0.70 -0.97 -7.20
CA ALA A 285 0.64 0.28 -7.95
C ALA A 285 -0.77 0.86 -8.08
N ILE A 286 -1.77 0.02 -8.37
CA ILE A 286 -3.19 0.40 -8.38
C ILE A 286 -3.73 0.55 -6.96
N ASP A 287 -3.35 -0.33 -6.04
CA ASP A 287 -3.78 -0.32 -4.63
C ASP A 287 -3.44 1.02 -3.93
N ASP A 288 -2.23 1.55 -4.15
CA ASP A 288 -1.79 2.84 -3.62
C ASP A 288 -2.58 4.02 -4.20
N GLY A 289 -2.78 4.06 -5.52
CA GLY A 289 -3.60 5.07 -6.17
C GLY A 289 -5.01 5.15 -5.61
N LEU A 290 -5.64 4.00 -5.32
CA LEU A 290 -6.98 3.96 -4.76
C LEU A 290 -7.03 4.36 -3.29
N ARG A 291 -6.01 4.02 -2.49
CA ARG A 291 -5.87 4.45 -1.08
C ARG A 291 -5.66 5.96 -1.00
N ARG A 292 -4.66 6.46 -1.72
CA ARG A 292 -4.29 7.86 -1.84
C ARG A 292 -5.48 8.72 -2.26
N ALA A 293 -6.15 8.42 -3.36
CA ALA A 293 -7.30 9.19 -3.81
C ALA A 293 -8.42 9.27 -2.76
N THR A 294 -8.81 8.15 -2.14
CA THR A 294 -9.91 8.21 -1.18
C THR A 294 -9.51 8.92 0.12
N TYR A 295 -8.24 8.81 0.54
CA TYR A 295 -7.79 9.42 1.83
C TYR A 295 -7.45 10.90 1.63
N GLU A 296 -6.51 11.19 0.73
CA GLU A 296 -6.07 12.57 0.50
C GLU A 296 -7.16 13.47 -0.08
N ARG A 297 -8.00 12.94 -0.99
CA ARG A 297 -8.95 13.73 -1.81
C ARG A 297 -10.43 13.42 -1.53
N GLY A 298 -10.75 12.52 -0.60
CA GLY A 298 -12.12 12.20 -0.20
C GLY A 298 -12.97 11.49 -1.26
N VAL A 299 -12.36 11.00 -2.34
CA VAL A 299 -13.03 10.37 -3.49
C VAL A 299 -13.79 9.12 -3.07
N LYS A 300 -15.04 8.97 -3.51
CA LYS A 300 -15.77 7.70 -3.39
C LYS A 300 -15.23 6.70 -4.40
N VAL A 301 -14.72 5.55 -3.98
CA VAL A 301 -14.20 4.52 -4.90
C VAL A 301 -15.12 3.30 -4.93
N ARG A 302 -15.55 2.86 -6.12
CA ARG A 302 -16.33 1.63 -6.30
C ARG A 302 -15.53 0.66 -7.16
N LEU A 303 -15.23 -0.52 -6.63
CA LEU A 303 -14.59 -1.61 -7.38
C LEU A 303 -15.59 -2.75 -7.57
N LEU A 304 -15.85 -3.13 -8.81
CA LEU A 304 -16.78 -4.20 -9.17
C LEU A 304 -16.01 -5.32 -9.88
N ILE A 305 -15.31 -6.15 -9.09
CA ILE A 305 -14.51 -7.22 -9.68
C ILE A 305 -15.39 -8.43 -9.97
N SER A 306 -14.91 -9.29 -10.88
CA SER A 306 -15.70 -10.42 -11.37
C SER A 306 -15.17 -11.74 -10.84
N CYS A 307 -16.08 -12.56 -10.31
CA CYS A 307 -15.77 -13.84 -9.68
C CYS A 307 -16.24 -15.00 -10.54
N TRP A 308 -15.38 -15.99 -10.73
CA TRP A 308 -15.74 -17.23 -11.40
C TRP A 308 -14.90 -18.37 -10.80
N GLY A 309 -15.15 -19.59 -11.29
CA GLY A 309 -14.39 -20.77 -10.88
C GLY A 309 -12.90 -20.72 -11.13
N HIS A 310 -12.39 -19.73 -11.87
CA HIS A 310 -10.96 -19.65 -12.14
C HIS A 310 -10.32 -18.41 -11.53
N SER A 311 -11.05 -17.68 -10.68
CA SER A 311 -10.46 -16.59 -9.92
C SER A 311 -9.44 -17.11 -8.91
N GLU A 312 -8.28 -16.47 -8.87
CA GLU A 312 -7.24 -16.81 -7.90
C GLU A 312 -7.66 -16.36 -6.50
N PRO A 313 -7.86 -17.27 -5.54
CA PRO A 313 -8.42 -16.86 -4.24
C PRO A 313 -7.50 -15.95 -3.44
N SER A 314 -6.23 -15.84 -3.84
CA SER A 314 -5.35 -14.80 -3.32
C SER A 314 -5.98 -13.43 -3.40
N MET A 315 -6.81 -13.19 -4.42
CA MET A 315 -7.41 -11.88 -4.63
C MET A 315 -8.31 -11.48 -3.47
N ARG A 316 -9.01 -12.45 -2.87
CA ARG A 316 -9.96 -12.13 -1.81
C ARG A 316 -9.36 -11.32 -0.68
N ALA A 317 -8.18 -11.73 -0.20
CA ALA A 317 -7.54 -11.00 0.89
C ALA A 317 -7.20 -9.58 0.48
N PHE A 318 -6.58 -9.40 -0.67
CA PHE A 318 -6.27 -8.08 -1.20
C PHE A 318 -7.52 -7.21 -1.43
N LEU A 319 -8.69 -7.79 -1.72
CA LEU A 319 -9.90 -6.99 -1.78
C LEU A 319 -10.30 -6.54 -0.38
N LEU A 320 -10.24 -7.41 0.63
CA LEU A 320 -10.55 -7.04 2.02
C LEU A 320 -9.61 -5.95 2.57
N SER A 321 -8.38 -5.87 2.06
CA SER A 321 -7.41 -4.84 2.43
C SER A 321 -7.73 -3.44 1.88
N LEU A 322 -8.62 -3.30 0.90
CA LEU A 322 -9.17 -2.02 0.43
C LEU A 322 -10.51 -1.66 1.07
N ALA A 323 -11.45 -2.59 1.24
CA ALA A 323 -12.70 -2.30 1.95
C ALA A 323 -12.50 -1.87 3.40
N ALA A 324 -11.32 -2.06 4.00
CA ALA A 324 -10.97 -1.57 5.33
C ALA A 324 -10.93 -0.02 5.44
N LEU A 325 -10.69 0.70 4.34
CA LEU A 325 -10.69 2.17 4.28
C LEU A 325 -12.13 2.74 4.16
N ARG A 326 -12.92 2.60 5.24
CA ARG A 326 -14.19 3.30 5.43
C ARG A 326 -14.26 3.91 6.83
N ASP A 327 -14.64 5.19 6.90
CA ASP A 327 -14.58 6.01 8.11
C ASP A 327 -15.55 7.20 8.03
N ASN A 328 -15.89 7.79 9.18
CA ASN A 328 -16.82 8.92 9.26
C ASN A 328 -16.14 10.30 9.13
N HIS A 329 -14.93 10.48 9.66
CA HIS A 329 -14.21 11.77 9.66
C HIS A 329 -13.44 12.04 8.36
N THR A 330 -12.78 11.02 7.83
CA THR A 330 -11.75 11.15 6.79
C THR A 330 -12.32 11.35 5.38
N HIS A 331 -13.59 10.98 5.18
CA HIS A 331 -14.24 10.86 3.87
C HIS A 331 -13.52 9.88 2.90
N SER A 332 -12.63 9.04 3.43
CA SER A 332 -12.16 7.86 2.73
C SER A 332 -13.29 6.83 2.74
N ASP A 333 -13.68 6.41 1.55
CA ASP A 333 -14.70 5.41 1.32
C ASP A 333 -14.35 4.62 0.06
N ILE A 334 -13.76 3.42 0.25
CA ILE A 334 -13.66 2.40 -0.80
C ILE A 334 -14.69 1.32 -0.52
N GLN A 335 -15.51 1.04 -1.52
CA GLN A 335 -16.50 -0.03 -1.50
C GLN A 335 -16.22 -1.00 -2.63
N VAL A 336 -16.42 -2.30 -2.38
CA VAL A 336 -16.04 -3.36 -3.32
C VAL A 336 -17.18 -4.35 -3.44
N LYS A 337 -17.51 -4.72 -4.68
CA LYS A 337 -18.56 -5.67 -5.00
C LYS A 337 -18.06 -6.66 -6.05
N LEU A 338 -18.63 -7.86 -6.03
CA LEU A 338 -18.27 -8.95 -6.94
C LEU A 338 -19.36 -9.15 -7.97
N PHE A 339 -18.99 -9.13 -9.25
CA PHE A 339 -19.92 -9.42 -10.33
C PHE A 339 -19.83 -10.89 -10.72
N VAL A 340 -20.96 -11.59 -10.74
CA VAL A 340 -21.00 -12.99 -11.08
C VAL A 340 -22.16 -13.25 -12.03
N VAL A 341 -21.88 -13.95 -13.12
CA VAL A 341 -22.85 -14.27 -14.18
C VAL A 341 -23.49 -15.63 -13.92
N PRO A 342 -24.72 -15.68 -13.38
CA PRO A 342 -25.35 -16.95 -13.06
C PRO A 342 -25.73 -17.75 -14.30
N ALA A 346 -26.11 -26.38 -17.16
CA ALA A 346 -26.37 -26.66 -18.57
C ALA A 346 -25.49 -25.77 -19.45
N GLN A 347 -25.40 -24.49 -19.09
CA GLN A 347 -24.31 -23.65 -19.58
C GLN A 347 -23.01 -23.91 -18.83
N ALA A 348 -23.09 -24.51 -17.64
CA ALA A 348 -21.89 -24.89 -16.90
C ALA A 348 -21.09 -25.99 -17.59
N ARG A 349 -21.72 -26.76 -18.48
CA ARG A 349 -20.97 -27.73 -19.26
C ARG A 349 -20.02 -27.08 -20.26
N ILE A 350 -20.24 -25.81 -20.58
CA ILE A 350 -19.39 -25.13 -21.54
C ILE A 350 -18.11 -24.67 -20.85
N PRO A 351 -16.94 -24.96 -21.41
CA PRO A 351 -15.71 -24.38 -20.87
C PRO A 351 -15.64 -22.87 -21.05
N TYR A 352 -15.23 -22.18 -19.97
CA TYR A 352 -15.03 -20.73 -19.95
C TYR A 352 -16.29 -19.91 -20.25
N ALA A 353 -17.49 -20.51 -20.16
CA ALA A 353 -18.70 -19.71 -20.20
C ALA A 353 -18.95 -19.04 -18.85
N ARG A 354 -19.99 -18.20 -18.82
CA ARG A 354 -20.54 -17.66 -17.57
C ARG A 354 -19.48 -16.95 -16.72
N VAL A 355 -18.89 -15.90 -17.31
CA VAL A 355 -18.20 -14.87 -16.54
C VAL A 355 -18.63 -13.51 -17.11
N ASN A 356 -18.53 -12.48 -16.28
CA ASN A 356 -18.51 -11.10 -16.77
C ASN A 356 -17.07 -10.71 -17.03
N HIS A 357 -16.69 -10.66 -18.30
CA HIS A 357 -15.31 -10.42 -18.68
C HIS A 357 -15.02 -8.92 -18.85
N ASN A 358 -15.97 -8.05 -18.46
CA ASN A 358 -15.88 -6.59 -18.61
C ASN A 358 -14.66 -5.99 -17.91
N LYS A 359 -14.18 -4.87 -18.48
CA LYS A 359 -12.98 -4.17 -17.97
C LYS A 359 -13.09 -2.67 -18.31
N TYR A 360 -13.60 -1.88 -17.37
CA TYR A 360 -13.74 -0.45 -17.60
C TYR A 360 -13.79 0.27 -16.25
N MET A 361 -13.59 1.60 -16.32
CA MET A 361 -13.70 2.52 -15.20
C MET A 361 -14.28 3.84 -15.69
N VAL A 362 -14.99 4.55 -14.82
CA VAL A 362 -15.54 5.86 -15.13
C VAL A 362 -15.49 6.73 -13.87
N THR A 363 -15.16 8.00 -14.05
CA THR A 363 -15.13 9.00 -12.98
C THR A 363 -16.12 10.11 -13.33
N GLU A 364 -16.16 11.15 -12.49
CA GLU A 364 -16.89 12.35 -12.86
C GLU A 364 -16.29 13.06 -14.07
N ARG A 365 -15.19 12.56 -14.62
CA ARG A 365 -14.30 13.32 -15.48
C ARG A 365 -13.79 12.54 -16.68
N ALA A 366 -13.78 11.21 -16.64
CA ALA A 366 -13.10 10.41 -17.65
C ALA A 366 -13.77 9.05 -17.76
N THR A 367 -13.47 8.36 -18.86
CA THR A 367 -13.78 6.95 -19.03
C THR A 367 -12.51 6.22 -19.41
N TYR A 368 -12.52 4.92 -19.12
CA TYR A 368 -11.47 3.98 -19.51
C TYR A 368 -12.13 2.64 -19.86
N ILE A 369 -12.05 2.22 -21.11
CA ILE A 369 -12.44 0.86 -21.50
C ILE A 369 -11.15 0.11 -21.82
N GLY A 370 -10.91 -1.01 -21.13
CA GLY A 370 -9.67 -1.74 -21.23
C GLY A 370 -9.89 -3.20 -21.60
N THR A 371 -8.76 -3.87 -21.87
CA THR A 371 -8.74 -5.28 -22.23
C THR A 371 -7.83 -6.11 -21.34
N SER A 372 -6.94 -5.47 -20.58
CA SER A 372 -6.18 -6.10 -19.52
C SER A 372 -6.98 -6.20 -18.24
N ASN A 373 -6.73 -7.26 -17.47
CA ASN A 373 -7.22 -7.31 -16.10
C ASN A 373 -6.20 -6.63 -15.20
N TRP A 374 -6.58 -6.36 -13.96
CA TRP A 374 -5.84 -5.49 -13.08
C TRP A 374 -4.85 -6.28 -12.20
N SER A 375 -3.96 -7.10 -12.79
CA SER A 375 -2.88 -7.80 -12.12
C SER A 375 -1.59 -7.41 -12.82
N GLY A 376 -0.50 -7.38 -12.05
CA GLY A 376 0.71 -6.72 -12.55
C GLY A 376 1.29 -7.35 -13.79
N ASN A 377 1.07 -8.65 -13.98
CA ASN A 377 1.46 -9.32 -15.20
C ASN A 377 0.78 -8.71 -16.43
N TYR A 378 -0.50 -8.39 -16.31
CA TYR A 378 -1.22 -7.74 -17.41
C TYR A 378 -0.67 -6.37 -17.77
N PHE A 379 0.10 -5.73 -16.88
CA PHE A 379 0.68 -4.44 -17.21
C PHE A 379 2.19 -4.51 -17.42
N THR A 380 2.76 -5.71 -17.43
CA THR A 380 4.21 -5.89 -17.47
C THR A 380 4.56 -7.01 -18.45
N GLU A 381 3.83 -8.12 -18.37
CA GLU A 381 4.11 -9.33 -19.11
C GLU A 381 3.14 -9.61 -20.24
N THR A 382 1.92 -9.09 -20.18
CA THR A 382 0.83 -9.50 -21.04
C THR A 382 0.35 -8.31 -21.87
N ALA A 383 -0.07 -8.60 -23.10
CA ALA A 383 -0.60 -7.59 -24.01
C ALA A 383 -2.02 -7.18 -23.65
N GLY A 384 -2.32 -5.90 -23.87
CA GLY A 384 -3.56 -5.29 -23.45
C GLY A 384 -3.69 -3.92 -24.07
N THR A 385 -4.90 -3.38 -24.03
CA THR A 385 -5.17 -2.12 -24.71
C THR A 385 -6.38 -1.48 -24.03
N SER A 386 -6.42 -0.14 -24.05
CA SER A 386 -7.54 0.61 -23.52
C SER A 386 -7.75 1.92 -24.26
N LEU A 387 -9.00 2.35 -24.26
CA LEU A 387 -9.45 3.66 -24.72
C LEU A 387 -9.82 4.50 -23.50
N LEU A 388 -9.35 5.75 -23.46
CA LEU A 388 -9.75 6.68 -22.43
C LEU A 388 -10.39 7.89 -23.11
N VAL A 389 -11.59 8.25 -22.66
CA VAL A 389 -12.32 9.40 -23.21
C VAL A 389 -12.80 10.31 -22.09
N THR A 390 -12.42 11.58 -22.16
CA THR A 390 -12.92 12.63 -21.28
C THR A 390 -13.83 13.54 -22.08
N GLN A 391 -15.06 13.75 -21.60
CA GLN A 391 -15.82 14.89 -22.06
C GLN A 391 -16.72 15.43 -20.96
N ASN A 392 -17.02 16.72 -21.06
CA ASN A 392 -17.77 17.48 -20.08
C ASN A 392 -19.27 17.54 -20.40
N GLY A 393 -20.05 17.88 -19.38
CA GLY A 393 -21.49 17.97 -19.47
C GLY A 393 -22.21 16.65 -19.28
N ARG A 394 -23.54 16.74 -19.37
CA ARG A 394 -24.43 15.59 -19.37
C ARG A 394 -24.40 14.89 -20.72
N GLY A 395 -25.01 13.70 -20.74
CA GLY A 395 -25.05 12.85 -21.92
C GLY A 395 -23.67 12.36 -22.31
N GLY A 396 -23.54 12.01 -23.58
CA GLY A 396 -22.26 11.56 -24.11
C GLY A 396 -21.79 10.23 -23.55
N LEU A 397 -20.59 9.86 -23.99
CA LEU A 397 -20.04 8.54 -23.70
C LEU A 397 -19.83 8.37 -22.20
N ARG A 398 -19.26 9.39 -21.56
CA ARG A 398 -18.92 9.25 -20.15
C ARG A 398 -20.14 8.90 -19.31
N SER A 399 -21.27 9.57 -19.55
CA SER A 399 -22.49 9.27 -18.81
C SER A 399 -23.18 8.01 -19.28
N GLN A 400 -23.01 7.61 -20.54
CA GLN A 400 -23.53 6.30 -20.95
C GLN A 400 -22.78 5.16 -20.26
N LEU A 401 -21.46 5.23 -20.27
CA LEU A 401 -20.64 4.26 -19.53
C LEU A 401 -20.93 4.29 -18.03
N GLU A 402 -21.11 5.48 -17.45
CA GLU A 402 -21.47 5.57 -16.05
C GLU A 402 -22.84 4.95 -15.76
N ALA A 403 -23.81 5.14 -16.66
CA ALA A 403 -25.12 4.52 -16.48
C ALA A 403 -25.05 3.00 -16.60
N ILE A 404 -24.19 2.51 -17.50
CA ILE A 404 -23.85 1.08 -17.53
C ILE A 404 -23.25 0.61 -16.21
N PHE A 405 -22.24 1.32 -15.71
CA PHE A 405 -21.67 0.96 -14.41
C PHE A 405 -22.72 0.93 -13.32
N LEU A 406 -23.56 1.95 -13.23
CA LEU A 406 -24.55 2.00 -12.16
C LEU A 406 -25.58 0.89 -12.28
N ARG A 407 -26.01 0.55 -13.50
CA ARG A 407 -26.96 -0.55 -13.62
C ARG A 407 -26.30 -1.90 -13.34
N ASP A 408 -25.03 -2.08 -13.70
CA ASP A 408 -24.25 -3.22 -13.23
C ASP A 408 -24.18 -3.28 -11.70
N TRP A 409 -23.71 -2.20 -11.10
CA TRP A 409 -23.52 -2.12 -9.65
C TRP A 409 -24.83 -2.36 -8.88
N ASP A 410 -25.94 -1.83 -9.38
CA ASP A 410 -27.23 -2.10 -8.76
C ASP A 410 -27.81 -3.45 -9.14
N SER A 411 -27.24 -4.14 -10.12
CA SER A 411 -27.76 -5.43 -10.56
C SER A 411 -27.83 -6.43 -9.40
N PRO A 412 -28.76 -7.38 -9.47
CA PRO A 412 -28.63 -8.60 -8.66
C PRO A 412 -27.31 -9.32 -8.89
N TYR A 413 -26.71 -9.17 -10.07
CA TYR A 413 -25.43 -9.74 -10.42
C TYR A 413 -24.25 -9.08 -9.74
N SER A 414 -24.46 -8.10 -8.86
CA SER A 414 -23.40 -7.55 -8.03
C SER A 414 -23.70 -7.85 -6.56
N HIS A 415 -22.73 -8.50 -5.91
CA HIS A 415 -22.87 -9.02 -4.55
C HIS A 415 -21.79 -8.42 -3.68
N ASP A 416 -22.05 -8.37 -2.38
CA ASP A 416 -21.03 -7.89 -1.46
C ASP A 416 -19.87 -8.88 -1.36
N LEU A 417 -18.70 -8.33 -1.05
CA LEU A 417 -17.45 -9.07 -0.89
C LEU A 417 -17.50 -10.13 0.21
N ASP A 418 -18.58 -10.19 0.98
CA ASP A 418 -18.75 -11.21 2.01
C ASP A 418 -19.94 -12.11 1.76
N THR A 419 -20.47 -12.11 0.54
CA THR A 419 -21.69 -12.86 0.23
C THR A 419 -21.40 -14.36 0.27
N SER A 420 -22.43 -15.13 0.65
CA SER A 420 -22.38 -16.59 0.58
C SER A 420 -22.30 -17.05 -0.86
N ALA A 421 -21.24 -17.82 -1.19
CA ALA A 421 -21.02 -18.25 -2.57
C ALA A 421 -22.18 -19.09 -3.10
N ASP A 422 -22.90 -19.78 -2.21
CA ASP A 422 -24.09 -20.51 -2.63
C ASP A 422 -25.20 -19.59 -3.13
N SER A 423 -25.34 -18.42 -2.50
CA SER A 423 -26.32 -17.45 -2.96
C SER A 423 -25.89 -16.80 -4.27
N VAL A 424 -24.58 -16.72 -4.50
CA VAL A 424 -24.03 -16.06 -5.69
C VAL A 424 -24.28 -16.88 -6.95
N GLY A 425 -24.63 -18.15 -6.83
CA GLY A 425 -25.24 -18.86 -7.93
C GLY A 425 -24.29 -19.30 -9.03
N ASN A 426 -23.02 -19.50 -8.71
CA ASN A 426 -22.01 -19.93 -9.67
C ASN A 426 -20.83 -20.49 -8.91
N ALA A 427 -19.92 -21.12 -9.65
CA ALA A 427 -18.59 -21.42 -9.12
C ALA A 427 -17.86 -20.14 -8.75
N CYS A 428 -17.24 -20.13 -7.57
CA CYS A 428 -16.99 -18.88 -6.85
C CYS A 428 -15.80 -19.01 -5.90
N ARG A 429 -14.58 -18.87 -6.42
CA ARG A 429 -13.40 -19.15 -5.61
C ARG A 429 -13.00 -18.02 -4.67
N LEU A 430 -13.55 -16.82 -4.85
CA LEU A 430 -13.32 -15.72 -3.92
C LEU A 430 -14.25 -15.72 -2.73
N LEU A 431 -15.32 -16.50 -2.75
CA LEU A 431 -16.25 -16.56 -1.63
C LEU A 431 -16.37 -17.99 -1.10
N ASP B 20 36.03 -2.72 24.18
CA ASP B 20 35.20 -2.30 25.31
C ASP B 20 34.18 -3.38 25.68
N PRO B 21 34.05 -3.62 26.97
CA PRO B 21 33.19 -4.72 27.47
C PRO B 21 31.71 -4.35 27.50
N CYS B 22 31.19 -3.89 26.37
CA CYS B 22 29.85 -3.32 26.28
C CYS B 22 28.84 -4.30 26.85
N GLU B 23 28.01 -3.82 27.78
CA GLU B 23 26.86 -4.60 28.22
C GLU B 23 25.59 -3.81 27.98
N ALA B 24 24.70 -4.36 27.17
CA ALA B 24 23.35 -3.84 27.07
C ALA B 24 22.49 -4.43 28.18
N VAL B 25 21.86 -3.56 28.96
CA VAL B 25 20.71 -3.93 29.78
C VAL B 25 19.48 -3.27 29.18
N LEU B 26 18.46 -4.07 28.92
CA LEU B 26 17.14 -3.53 28.63
C LEU B 26 16.49 -3.14 29.95
N VAL B 27 16.21 -1.84 30.12
CA VAL B 27 15.60 -1.32 31.33
C VAL B 27 14.19 -0.84 31.01
N GLU B 28 13.25 -1.26 31.84
CA GLU B 28 11.82 -1.08 31.60
C GLU B 28 11.31 -0.08 32.63
N SER B 29 10.65 0.98 32.17
CA SER B 29 9.73 1.67 33.04
C SER B 29 8.45 0.86 33.10
N ILE B 30 8.02 0.49 34.30
CA ILE B 30 6.76 -0.21 34.50
C ILE B 30 5.85 0.67 35.34
N PRO B 31 4.63 0.95 34.91
CA PRO B 31 3.69 1.71 35.74
C PRO B 31 3.41 0.98 37.04
N GLU B 32 3.28 1.74 38.12
CA GLU B 32 2.75 1.20 39.37
C GLU B 32 1.43 0.50 39.13
N GLY B 33 1.30 -0.71 39.67
CA GLY B 33 0.13 -1.54 39.47
C GLY B 33 0.11 -2.36 38.21
N LEU B 34 1.11 -2.22 37.34
CA LEU B 34 1.26 -3.03 36.15
C LEU B 34 2.36 -4.05 36.38
N ASP B 35 2.07 -5.34 36.16
CA ASP B 35 3.04 -6.37 36.50
C ASP B 35 2.87 -7.58 35.60
N PHE B 36 3.95 -8.39 35.54
CA PHE B 36 3.97 -9.64 34.80
C PHE B 36 4.08 -10.81 35.78
N PRO B 37 3.09 -11.70 35.83
CA PRO B 37 2.98 -12.62 36.97
C PRO B 37 4.03 -13.72 36.98
N ASN B 38 4.57 -14.08 35.82
CA ASN B 38 5.56 -15.14 35.71
C ASN B 38 7.00 -14.66 35.84
N ALA B 39 7.23 -13.38 36.11
CA ALA B 39 8.55 -12.77 35.98
C ALA B 39 9.13 -13.03 34.60
N SER B 40 8.26 -12.90 33.59
CA SER B 40 8.55 -13.39 32.24
C SER B 40 9.64 -12.58 31.55
N THR B 41 9.94 -11.37 32.03
CA THR B 41 11.27 -10.80 31.86
C THR B 41 11.49 -9.75 32.95
N GLY B 42 12.35 -10.06 33.91
CA GLY B 42 12.66 -9.15 34.99
C GLY B 42 14.02 -8.51 34.78
N ASN B 43 14.05 -7.19 34.89
CA ASN B 43 15.26 -6.40 34.61
C ASN B 43 15.07 -5.03 35.26
N PRO B 44 16.14 -4.22 35.33
CA PRO B 44 16.07 -3.00 36.15
C PRO B 44 15.04 -2.00 35.66
N SER B 45 14.61 -1.14 36.59
CA SER B 45 13.77 0.01 36.26
C SER B 45 14.61 1.13 35.65
N THR B 46 13.93 1.95 34.84
CA THR B 46 14.55 3.17 34.32
C THR B 46 15.00 4.10 35.44
N SER B 47 14.24 4.16 36.52
CA SER B 47 14.66 4.93 37.70
C SER B 47 15.98 4.42 38.27
N GLN B 48 16.07 3.12 38.55
CA GLN B 48 17.32 2.54 39.04
C GLN B 48 18.50 2.81 38.11
N ALA B 49 18.28 2.61 36.80
CA ALA B 49 19.32 2.89 35.81
C ALA B 49 19.74 4.35 35.84
N TRP B 50 18.78 5.27 35.90
CA TRP B 50 19.08 6.70 35.89
C TRP B 50 19.78 7.15 37.17
N LEU B 51 19.26 6.75 38.33
CA LEU B 51 19.93 7.07 39.59
C LEU B 51 21.34 6.50 39.64
N GLY B 52 21.55 5.28 39.15
CA GLY B 52 22.90 4.75 39.05
C GLY B 52 23.80 5.51 38.10
N LEU B 53 23.27 5.90 36.93
CA LEU B 53 24.01 6.71 35.99
C LEU B 53 24.41 8.06 36.60
N LEU B 54 23.47 8.71 37.27
CA LEU B 54 23.77 9.99 37.94
C LEU B 54 24.81 9.81 39.04
N ALA B 55 24.60 8.86 39.95
CA ALA B 55 25.54 8.60 41.03
C ALA B 55 26.93 8.27 40.50
N GLY B 56 27.02 7.59 39.36
CA GLY B 56 28.31 7.33 38.76
C GLY B 56 28.89 8.48 37.99
N ALA B 57 28.03 9.39 37.52
CA ALA B 57 28.48 10.44 36.62
C ALA B 57 29.49 11.35 37.30
N HIS B 58 30.51 11.75 36.54
CA HIS B 58 31.60 12.56 37.08
C HIS B 58 32.13 13.60 36.11
N SER B 59 31.85 13.49 34.82
CA SER B 59 32.30 14.46 33.82
C SER B 59 31.18 15.09 33.04
N SER B 60 30.22 14.29 32.55
CA SER B 60 29.17 14.88 31.67
C SER B 60 27.87 14.08 31.74
N LEU B 61 26.75 14.73 31.41
CA LEU B 61 25.44 14.02 31.38
C LEU B 61 24.62 14.57 30.20
N ASP B 62 25.15 14.48 28.98
CA ASP B 62 24.39 14.92 27.78
C ASP B 62 23.00 14.26 27.85
N ILE B 63 21.93 15.07 27.84
CA ILE B 63 20.56 14.48 28.02
C ILE B 63 19.57 15.22 27.11
N ALA B 64 19.06 14.54 26.08
CA ALA B 64 18.07 15.15 25.17
C ALA B 64 16.68 14.66 25.54
N SER B 65 15.73 15.58 25.69
CA SER B 65 14.35 15.20 26.12
C SER B 65 13.31 16.02 25.35
N PHE B 66 12.07 15.54 25.32
CA PHE B 66 10.98 16.29 24.64
C PHE B 66 10.61 17.48 25.52
N TYR B 67 10.32 17.22 26.80
CA TYR B 67 9.99 18.29 27.72
C TYR B 67 10.66 17.97 29.06
N TRP B 68 10.33 18.74 30.09
CA TRP B 68 10.71 18.37 31.44
C TRP B 68 9.48 18.55 32.32
N THR B 69 9.16 17.56 33.13
CA THR B 69 8.04 17.68 34.06
C THR B 69 8.30 16.78 35.26
N LEU B 70 9.46 16.95 35.89
CA LEU B 70 9.87 16.07 36.99
C LEU B 70 9.12 16.38 38.27
N THR B 71 8.94 17.65 38.60
CA THR B 71 8.28 18.00 39.85
C THR B 71 6.76 17.95 39.72
N ASN B 72 6.12 17.54 40.81
CA ASN B 72 4.67 17.64 40.96
C ASN B 72 4.15 19.05 40.65
N ASN B 73 4.77 20.08 41.23
CA ASN B 73 4.30 21.44 40.97
C ASN B 73 4.45 21.82 39.50
N ASP B 74 5.49 21.32 38.84
CA ASP B 74 5.64 21.55 37.41
C ASP B 74 4.62 20.77 36.59
N THR B 75 3.94 19.79 37.20
CA THR B 75 2.80 19.12 36.60
C THR B 75 1.49 19.81 36.96
N HIS B 76 1.49 20.61 38.03
CA HIS B 76 0.28 21.05 38.72
C HIS B 76 -0.52 19.87 39.27
N THR B 77 0.19 18.89 39.82
CA THR B 77 -0.37 17.69 40.43
C THR B 77 0.30 17.52 41.79
N GLN B 78 -0.28 16.66 42.63
CA GLN B 78 0.35 16.27 43.89
C GLN B 78 0.23 14.76 44.09
N GLU B 79 1.00 14.01 43.29
CA GLU B 79 1.06 12.56 43.43
C GLU B 79 2.39 12.16 44.05
N PRO B 80 2.39 11.22 45.00
CA PRO B 80 3.65 10.82 45.65
C PRO B 80 4.66 10.21 44.70
N SER B 81 4.20 9.52 43.66
CA SER B 81 5.05 8.93 42.64
C SER B 81 5.90 9.93 41.85
N ALA B 82 5.73 11.22 42.10
CA ALA B 82 6.69 12.17 41.56
C ALA B 82 8.06 12.02 42.19
N GLN B 83 8.13 11.39 43.37
CA GLN B 83 9.37 11.36 44.16
C GLN B 83 10.56 10.82 43.37
N GLN B 84 10.36 9.75 42.60
CA GLN B 84 11.46 9.20 41.81
C GLN B 84 12.00 10.22 40.81
N GLY B 85 11.12 11.00 40.19
CA GLY B 85 11.59 12.07 39.33
C GLY B 85 12.19 13.21 40.12
N GLU B 86 11.60 13.52 41.28
CA GLU B 86 12.14 14.58 42.12
C GLU B 86 13.47 14.18 42.74
N GLU B 87 13.64 12.90 43.05
CA GLU B 87 14.96 12.40 43.42
C GLU B 87 15.93 12.59 42.26
N VAL B 88 15.52 12.21 41.06
CA VAL B 88 16.36 12.49 39.89
C VAL B 88 16.63 13.98 39.80
N LEU B 89 15.61 14.79 40.06
CA LEU B 89 15.81 16.23 40.03
C LEU B 89 16.77 16.67 41.11
N ARG B 90 16.54 16.18 42.34
CA ARG B 90 17.48 16.47 43.41
C ARG B 90 18.89 16.06 43.02
N GLN B 91 19.02 14.86 42.45
CA GLN B 91 20.34 14.39 42.05
C GLN B 91 20.90 15.24 40.91
N LEU B 92 20.05 15.62 39.96
CA LEU B 92 20.48 16.59 38.96
C LEU B 92 20.90 17.91 39.58
N GLN B 93 20.20 18.34 40.64
CA GLN B 93 20.62 19.53 41.37
C GLN B 93 21.95 19.34 42.10
N THR B 94 22.31 18.09 42.42
CA THR B 94 23.66 17.84 42.92
C THR B 94 24.70 17.76 41.80
N LEU B 95 24.32 17.36 40.60
CA LEU B 95 25.31 17.09 39.56
C LEU B 95 26.12 18.33 39.18
N ALA B 96 25.46 19.45 38.96
CA ALA B 96 26.17 20.66 38.55
C ALA B 96 27.14 21.23 39.58
N PRO B 97 26.82 21.31 40.88
CA PRO B 97 27.86 21.66 41.87
C PRO B 97 28.90 20.58 42.10
N LYS B 98 28.57 19.30 41.90
CA LYS B 98 29.59 18.26 41.84
C LYS B 98 30.55 18.44 40.68
N GLY B 99 30.21 19.26 39.69
CA GLY B 99 31.06 19.46 38.54
C GLY B 99 30.66 18.68 37.31
N VAL B 100 29.52 18.00 37.32
CA VAL B 100 29.04 17.30 36.13
C VAL B 100 28.54 18.34 35.14
N ASN B 101 29.08 18.33 33.92
CA ASN B 101 28.73 19.29 32.88
C ASN B 101 27.36 18.94 32.28
N VAL B 102 26.33 19.10 33.11
CA VAL B 102 24.97 18.89 32.65
C VAL B 102 24.62 19.88 31.55
N ARG B 103 24.17 19.37 30.41
CA ARG B 103 23.64 20.19 29.33
C ARG B 103 22.34 19.55 28.84
N ILE B 104 21.36 20.38 28.50
CA ILE B 104 20.04 19.93 28.10
C ILE B 104 19.66 20.57 26.78
N ALA B 105 19.10 19.77 25.88
CA ALA B 105 18.30 20.29 24.77
C ALA B 105 16.84 19.89 25.01
N VAL B 106 15.93 20.84 24.83
CA VAL B 106 14.52 20.61 25.10
C VAL B 106 13.69 21.31 24.02
N SER B 107 12.55 20.70 23.70
CA SER B 107 11.63 21.29 22.74
C SER B 107 11.02 22.58 23.28
N LYS B 108 11.15 23.66 22.51
CA LYS B 108 10.52 24.92 22.87
C LYS B 108 9.00 24.78 22.87
N PRO B 109 8.32 25.04 24.00
CA PRO B 109 6.90 24.74 24.13
C PRO B 109 6.02 25.67 23.30
N ALA B 116 9.52 25.27 34.92
CA ALA B 116 10.19 25.74 36.13
C ALA B 116 11.42 24.90 36.44
N ASP B 117 11.31 23.59 36.20
CA ASP B 117 12.40 22.67 36.52
C ASP B 117 13.68 23.04 35.78
N LEU B 118 13.55 23.50 34.53
CA LEU B 118 14.72 23.95 33.79
C LEU B 118 15.29 25.25 34.35
N GLN B 119 14.47 26.08 34.99
CA GLN B 119 15.02 27.24 35.68
C GLN B 119 15.74 26.84 36.97
N ALA B 120 15.18 25.88 37.71
CA ALA B 120 15.88 25.34 38.87
C ALA B 120 17.24 24.74 38.49
N LEU B 121 17.28 24.01 37.37
CA LEU B 121 18.55 23.48 36.88
C LEU B 121 19.51 24.57 36.44
N LEU B 122 19.01 25.59 35.72
CA LEU B 122 19.87 26.72 35.35
C LEU B 122 20.43 27.44 36.58
N GLN B 123 19.63 27.57 37.64
CA GLN B 123 20.14 28.14 38.88
C GLN B 123 21.16 27.23 39.54
N SER B 124 20.98 25.91 39.42
CA SER B 124 21.99 24.97 39.89
C SER B 124 23.25 25.00 39.02
N GLY B 125 23.16 25.57 37.83
CA GLY B 125 24.27 25.65 36.89
C GLY B 125 24.15 24.70 35.72
N ALA B 126 23.09 23.91 35.64
CA ALA B 126 22.85 23.05 34.50
C ALA B 126 22.38 23.85 33.30
N GLN B 127 23.06 23.69 32.17
CA GLN B 127 22.72 24.43 30.97
C GLN B 127 21.44 23.89 30.35
N VAL B 128 20.65 24.79 29.77
CA VAL B 128 19.42 24.43 29.06
C VAL B 128 19.37 25.21 27.76
N ARG B 129 18.97 24.53 26.69
CA ARG B 129 18.64 25.18 25.42
C ARG B 129 17.27 24.72 24.95
N MET B 130 16.50 25.66 24.41
CA MET B 130 15.16 25.41 23.90
C MET B 130 15.20 25.35 22.37
N VAL B 131 14.62 24.29 21.82
CA VAL B 131 14.69 24.01 20.39
C VAL B 131 13.35 24.32 19.75
N ASP B 132 13.36 25.26 18.80
CA ASP B 132 12.16 25.69 18.07
C ASP B 132 11.90 24.77 16.87
N MET B 133 11.70 23.48 17.17
CA MET B 133 11.47 22.48 16.13
C MET B 133 10.28 22.83 15.24
N GLN B 134 9.27 23.53 15.78
CA GLN B 134 8.13 23.96 14.97
C GLN B 134 8.52 24.99 13.93
N LYS B 135 9.50 25.85 14.24
CA LYS B 135 10.07 26.71 13.20
C LYS B 135 10.94 25.93 12.23
N LEU B 136 11.84 25.09 12.75
CA LEU B 136 12.83 24.44 11.88
C LEU B 136 12.19 23.48 10.90
N THR B 137 11.33 22.56 11.40
CA THR B 137 10.84 21.48 10.56
C THR B 137 9.40 21.09 10.87
N HIS B 138 8.63 21.94 11.54
CA HIS B 138 7.21 21.70 11.81
C HIS B 138 7.00 20.49 12.70
N GLY B 139 7.90 20.24 13.64
CA GLY B 139 7.71 19.13 14.56
C GLY B 139 8.19 19.40 15.97
N VAL B 140 8.60 18.35 16.65
CA VAL B 140 8.93 18.38 18.07
C VAL B 140 10.25 17.65 18.30
N LEU B 141 10.88 17.86 19.46
CA LEU B 141 12.09 17.13 19.85
C LEU B 141 11.76 15.88 20.66
N HIS B 142 11.04 14.96 20.04
CA HIS B 142 10.46 13.79 20.72
C HIS B 142 11.51 12.82 21.29
N THR B 143 12.81 12.98 20.98
CA THR B 143 13.85 12.07 21.47
C THR B 143 13.93 12.05 22.98
N LYS B 144 14.03 10.86 23.57
CA LYS B 144 14.59 10.74 24.91
C LYS B 144 15.81 9.82 24.93
N PHE B 145 16.95 10.38 25.35
CA PHE B 145 18.14 9.60 25.65
C PHE B 145 19.01 10.37 26.64
N TRP B 146 20.01 9.66 27.18
CA TRP B 146 21.07 10.19 28.02
C TRP B 146 22.40 9.70 27.47
N VAL B 147 23.47 10.47 27.67
CA VAL B 147 24.83 10.01 27.45
C VAL B 147 25.68 10.41 28.66
N VAL B 148 26.30 9.42 29.31
CA VAL B 148 26.87 9.58 30.64
C VAL B 148 28.37 9.29 30.60
N ASP B 149 29.16 10.29 30.99
CA ASP B 149 30.61 10.35 30.80
C ASP B 149 31.06 10.06 29.37
N GLN B 150 30.13 10.09 28.41
CA GLN B 150 30.37 9.57 27.07
C GLN B 150 30.93 8.17 27.13
N THR B 151 30.40 7.36 28.05
CA THR B 151 30.78 5.97 28.16
C THR B 151 29.53 5.11 28.19
N HIS B 152 28.62 5.44 29.09
CA HIS B 152 27.31 4.82 29.09
C HIS B 152 26.32 5.67 28.30
N PHE B 153 25.20 5.07 27.95
CA PHE B 153 24.06 5.84 27.48
C PHE B 153 22.78 5.10 27.80
N TYR B 154 21.69 5.87 27.84
CA TYR B 154 20.34 5.34 27.81
C TYR B 154 19.68 5.87 26.56
N LEU B 155 18.99 5.01 25.82
CA LEU B 155 18.16 5.45 24.70
C LEU B 155 16.81 4.77 24.81
N GLY B 156 15.72 5.52 24.61
CA GLY B 156 14.44 4.86 24.77
C GLY B 156 13.27 5.82 24.78
N SER B 157 12.13 5.27 25.20
CA SER B 157 10.84 5.96 25.20
C SER B 157 10.49 6.59 26.54
N ALA B 158 11.48 6.96 27.34
CA ALA B 158 11.24 7.88 28.45
C ALA B 158 10.85 9.25 27.92
N ASN B 159 10.50 10.15 28.84
CA ASN B 159 10.04 11.51 28.42
C ASN B 159 10.59 12.57 29.38
N MET B 160 11.60 12.22 30.19
CA MET B 160 12.23 13.20 31.12
C MET B 160 11.18 13.80 32.06
N ASP B 161 10.32 12.96 32.66
CA ASP B 161 9.33 13.46 33.66
C ASP B 161 9.04 12.33 34.65
N TRP B 162 8.45 12.65 35.80
CA TRP B 162 8.13 11.60 36.76
C TRP B 162 7.12 10.61 36.22
N ARG B 163 6.30 11.06 35.27
CA ARG B 163 5.27 10.17 34.67
C ARG B 163 5.94 9.09 33.81
N SER B 164 6.95 9.48 33.03
CA SER B 164 7.68 8.50 32.19
C SER B 164 8.33 7.45 33.09
N LEU B 165 8.79 7.85 34.27
CA LEU B 165 9.51 6.91 35.19
C LEU B 165 8.53 5.88 35.78
N THR B 166 7.37 6.30 36.28
CA THR B 166 6.48 5.33 36.96
C THR B 166 5.02 5.65 36.71
N GLN B 167 4.67 6.13 35.52
CA GLN B 167 3.24 6.35 35.19
C GLN B 167 2.93 5.80 33.79
N VAL B 168 3.97 5.58 32.98
CA VAL B 168 3.76 5.07 31.59
C VAL B 168 4.74 3.91 31.34
N LYS B 169 4.28 2.86 30.65
CA LYS B 169 5.16 1.71 30.34
C LYS B 169 6.17 2.12 29.27
N GLU B 170 7.46 1.80 29.46
CA GLU B 170 8.49 2.19 28.52
C GLU B 170 9.58 1.15 28.46
N LEU B 171 10.28 1.11 27.33
CA LEU B 171 11.48 0.32 27.15
C LEU B 171 12.60 1.25 26.74
N GLY B 172 13.78 1.03 27.27
CA GLY B 172 14.98 1.58 26.67
C GLY B 172 16.16 0.66 26.92
N VAL B 173 17.22 0.90 26.17
CA VAL B 173 18.48 0.20 26.40
C VAL B 173 19.46 1.15 27.09
N VAL B 174 20.01 0.70 28.23
CA VAL B 174 21.22 1.28 28.79
C VAL B 174 22.38 0.42 28.32
N MET B 175 23.38 1.04 27.70
CA MET B 175 24.57 0.28 27.29
C MET B 175 25.79 0.73 28.09
N TYR B 176 26.04 -0.01 29.19
CA TYR B 176 27.17 0.25 30.06
C TYR B 176 28.48 -0.09 29.39
N ASN B 177 29.53 0.62 29.80
CA ASN B 177 30.89 0.47 29.29
C ASN B 177 30.98 0.56 27.77
N CYS B 178 29.97 1.14 27.12
CA CYS B 178 29.79 1.08 25.67
C CYS B 178 30.32 2.34 25.00
N SER B 179 31.51 2.80 25.42
CA SER B 179 31.98 4.15 25.13
C SER B 179 31.92 4.52 23.66
N CYS B 180 32.27 3.59 22.77
CA CYS B 180 32.24 3.88 21.34
C CYS B 180 30.83 4.13 20.80
N LEU B 181 29.80 3.56 21.42
CA LEU B 181 28.44 3.80 20.95
C LEU B 181 27.79 5.02 21.60
N ALA B 182 28.00 5.22 22.90
CA ALA B 182 27.62 6.47 23.55
C ALA B 182 28.24 7.69 22.88
N ARG B 183 29.52 7.60 22.52
CA ARG B 183 30.19 8.66 21.77
C ARG B 183 29.63 8.88 20.37
N ASP B 184 28.67 8.07 19.91
CA ASP B 184 27.95 8.39 18.70
C ASP B 184 26.49 8.76 18.92
N LEU B 185 25.89 8.35 20.03
CA LEU B 185 24.61 8.93 20.44
C LEU B 185 24.75 10.39 20.83
N THR B 186 25.88 10.76 21.43
CA THR B 186 26.15 12.17 21.66
C THR B 186 26.18 12.97 20.37
N LYS B 187 26.55 12.35 19.24
CA LYS B 187 26.46 13.05 17.95
C LYS B 187 25.03 13.40 17.59
N ILE B 188 24.07 12.60 18.05
CA ILE B 188 22.65 12.91 17.86
C ILE B 188 22.21 14.03 18.79
N PHE B 189 22.70 14.01 20.02
CA PHE B 189 22.39 15.11 20.96
C PHE B 189 22.96 16.45 20.49
N GLU B 190 24.23 16.48 20.08
CA GLU B 190 24.89 17.73 19.72
C GLU B 190 24.20 18.46 18.57
N ALA B 191 23.49 17.72 17.71
CA ALA B 191 22.62 18.37 16.72
C ALA B 191 21.50 19.15 17.38
N TYR B 192 20.73 18.53 18.28
CA TYR B 192 19.64 19.24 18.93
C TYR B 192 20.15 20.40 19.79
N TRP B 193 21.30 20.21 20.43
CA TRP B 193 21.98 21.29 21.14
C TRP B 193 22.33 22.46 20.22
N PHE B 194 22.72 22.18 18.98
CA PHE B 194 22.95 23.25 18.01
C PHE B 194 21.66 23.90 17.52
N LEU B 195 20.60 23.12 17.31
CA LEU B 195 19.30 23.69 16.95
C LEU B 195 18.73 24.59 18.03
N GLY B 196 18.87 24.22 19.29
CA GLY B 196 18.32 25.06 20.33
C GLY B 196 19.09 26.32 20.65
N GLN B 197 20.19 26.56 19.95
CA GLN B 197 21.01 27.76 20.17
C GLN B 197 20.23 29.03 19.84
N ILE B 202 18.75 24.13 10.13
CA ILE B 202 19.27 22.96 9.46
C ILE B 202 20.24 23.40 8.36
N PRO B 203 21.53 23.06 8.53
CA PRO B 203 22.56 23.37 7.54
C PRO B 203 22.30 22.72 6.18
N TRP B 206 24.90 18.74 7.18
CA TRP B 206 25.54 18.97 8.46
C TRP B 206 27.06 18.99 8.32
N PRO B 207 27.75 19.73 9.18
CA PRO B 207 29.21 19.64 9.24
C PRO B 207 29.70 18.24 9.57
N ARG B 208 30.94 17.97 9.17
CA ARG B 208 31.55 16.65 9.29
C ARG B 208 31.52 16.14 10.73
N PHE B 209 31.53 17.04 11.71
CA PHE B 209 31.42 16.64 13.12
C PHE B 209 30.24 15.71 13.36
N TYR B 210 29.12 15.94 12.68
CA TYR B 210 27.93 15.16 12.97
C TYR B 210 27.90 13.82 12.25
N ASP B 211 28.74 13.63 11.23
CA ASP B 211 28.70 12.42 10.42
C ASP B 211 28.96 11.16 11.26
N THR B 212 28.48 10.04 10.74
CA THR B 212 28.56 8.74 11.40
C THR B 212 29.04 7.73 10.38
N ARG B 213 30.03 6.93 10.75
CA ARG B 213 30.47 5.77 9.99
C ARG B 213 29.67 4.51 10.30
N TYR B 214 29.08 4.43 11.48
CA TYR B 214 28.51 3.21 12.02
C TYR B 214 26.99 3.24 11.79
N ASN B 215 26.59 2.68 10.66
CA ASN B 215 25.24 2.85 10.10
C ASN B 215 24.76 1.47 9.64
N GLN B 216 23.68 1.47 8.84
CA GLN B 216 23.13 0.21 8.36
C GLN B 216 24.11 -0.55 7.47
N GLU B 217 24.89 0.15 6.66
CA GLU B 217 25.77 -0.56 5.73
C GLU B 217 27.00 -1.11 6.42
N THR B 218 27.52 -0.44 7.44
CA THR B 218 28.69 -0.89 8.19
C THR B 218 28.50 -0.54 9.65
N PRO B 219 27.74 -1.36 10.39
CA PRO B 219 27.62 -1.16 11.84
C PRO B 219 28.96 -1.30 12.55
N MET B 220 28.97 -0.88 13.81
CA MET B 220 30.06 -1.20 14.71
C MET B 220 30.08 -2.68 15.07
N GLU B 221 31.28 -3.21 15.20
CA GLU B 221 31.55 -4.47 15.91
C GLU B 221 31.64 -4.18 17.41
N ILE B 222 30.73 -4.74 18.19
CA ILE B 222 30.74 -4.56 19.64
C ILE B 222 30.67 -5.93 20.29
N CYS B 223 31.43 -6.11 21.38
CA CYS B 223 31.45 -7.38 22.09
C CYS B 223 30.35 -7.41 23.15
N LEU B 224 29.11 -7.35 22.67
CA LEU B 224 27.95 -7.19 23.54
C LEU B 224 27.80 -8.41 24.44
N ASN B 225 27.98 -8.22 25.75
CA ASN B 225 28.02 -9.31 26.73
C ASN B 225 29.00 -10.41 26.34
N GLY B 226 30.08 -10.06 25.65
CA GLY B 226 31.09 -11.00 25.22
C GLY B 226 30.79 -11.79 23.96
N THR B 227 29.61 -11.65 23.38
CA THR B 227 29.28 -12.27 22.10
C THR B 227 29.25 -11.19 21.03
N PRO B 228 29.97 -11.35 19.91
CA PRO B 228 30.00 -10.29 18.90
C PRO B 228 28.62 -9.88 18.43
N ALA B 229 28.48 -8.59 18.13
CA ALA B 229 27.26 -8.02 17.57
C ALA B 229 27.63 -6.88 16.64
N LEU B 230 26.73 -6.60 15.70
CA LEU B 230 26.79 -5.41 14.85
C LEU B 230 25.72 -4.41 15.30
N ALA B 231 26.12 -3.17 15.54
CA ALA B 231 25.18 -2.18 16.08
C ALA B 231 25.32 -0.84 15.38
N TYR B 232 24.20 -0.17 15.13
CA TYR B 232 24.23 1.17 14.56
C TYR B 232 23.05 2.00 15.06
N LEU B 233 23.22 3.32 15.02
CA LEU B 233 22.21 4.28 15.46
C LEU B 233 21.68 5.09 14.28
N ALA B 234 20.37 5.35 14.29
CA ALA B 234 19.68 6.09 13.24
C ALA B 234 18.98 7.32 13.82
N SER B 235 18.75 8.31 12.96
CA SER B 235 17.97 9.50 13.27
C SER B 235 16.77 9.65 12.34
N ALA B 236 15.68 10.25 12.81
CA ALA B 236 14.36 10.14 12.18
C ALA B 236 14.01 11.15 11.07
N PRO B 237 14.10 12.48 11.25
CA PRO B 237 13.84 13.44 10.19
C PRO B 237 15.14 13.67 9.38
N PRO B 238 15.15 13.47 8.04
CA PRO B 238 16.30 13.64 7.15
C PRO B 238 17.04 14.95 7.30
N PRO B 239 16.39 16.06 7.71
CA PRO B 239 17.20 17.25 8.05
C PRO B 239 18.15 17.06 9.21
N LEU B 240 17.81 16.18 10.16
CA LEU B 240 18.67 15.87 11.29
C LEU B 240 19.43 14.57 11.10
N CYS B 241 19.48 14.03 9.89
CA CYS B 241 20.38 12.94 9.57
C CYS B 241 21.58 13.47 8.82
N PRO B 242 22.75 13.57 9.45
CA PRO B 242 23.95 13.98 8.72
C PRO B 242 24.40 12.92 7.72
N SER B 243 25.44 13.25 6.94
CA SER B 243 25.99 12.29 6.00
C SER B 243 26.49 11.04 6.73
N GLY B 244 26.19 9.87 6.17
CA GLY B 244 26.54 8.60 6.77
C GLY B 244 25.65 8.14 7.90
N ARG B 245 24.77 8.99 8.41
CA ARG B 245 23.71 8.54 9.30
C ARG B 245 22.64 7.84 8.50
N THR B 246 22.27 6.63 8.92
CA THR B 246 21.11 5.98 8.33
C THR B 246 19.84 6.67 8.80
N PRO B 247 18.92 7.02 7.89
CA PRO B 247 17.61 7.49 8.32
C PRO B 247 16.84 6.41 9.06
N ASP B 248 16.11 6.78 10.10
CA ASP B 248 15.38 5.88 11.00
C ASP B 248 14.34 5.06 10.24
N LEU B 249 13.68 5.66 9.25
CA LEU B 249 12.80 4.93 8.35
C LEU B 249 13.58 3.92 7.51
N LYS B 250 14.74 4.28 6.95
CA LYS B 250 15.54 3.33 6.14
C LYS B 250 15.91 2.12 7.02
N ALA B 251 16.46 2.37 8.21
CA ALA B 251 16.85 1.27 9.13
C ALA B 251 15.62 0.44 9.47
N LEU B 252 14.49 1.05 9.81
CA LEU B 252 13.25 0.35 10.15
C LEU B 252 12.74 -0.50 8.97
N LEU B 253 12.68 0.05 7.76
CA LEU B 253 12.28 -0.70 6.57
C LEU B 253 13.24 -1.81 6.21
N ASN B 254 14.54 -1.61 6.40
CA ASN B 254 15.55 -2.65 6.06
C ASN B 254 15.41 -3.82 7.04
N VAL B 255 15.34 -3.51 8.34
CA VAL B 255 15.14 -4.59 9.36
C VAL B 255 13.89 -5.39 8.94
N VAL B 256 12.83 -4.72 8.47
CA VAL B 256 11.59 -5.36 7.98
C VAL B 256 11.84 -6.20 6.72
N ASP B 257 12.66 -5.75 5.78
CA ASP B 257 12.86 -6.47 4.52
C ASP B 257 13.90 -7.57 4.61
N ASN B 258 14.87 -7.47 5.52
CA ASN B 258 15.84 -8.54 5.70
C ASN B 258 15.29 -9.73 6.47
N ALA B 259 14.21 -9.55 7.22
CA ALA B 259 13.68 -10.64 8.04
C ALA B 259 13.21 -11.80 7.15
N ARG B 260 13.39 -13.02 7.66
CA ARG B 260 13.01 -14.22 6.94
C ARG B 260 12.03 -15.11 7.68
N SER B 261 11.87 -14.93 8.99
CA SER B 261 10.98 -15.78 9.78
C SER B 261 9.92 -15.00 10.53
N PHE B 262 10.29 -13.96 11.28
CA PHE B 262 9.30 -13.14 11.95
C PHE B 262 9.76 -11.69 12.02
N ILE B 263 8.81 -10.76 12.16
CA ILE B 263 8.99 -9.34 12.48
C ILE B 263 8.02 -9.02 13.61
N TYR B 264 8.51 -8.75 14.81
CA TYR B 264 7.71 -8.37 15.96
C TYR B 264 7.91 -6.88 16.22
N VAL B 265 6.90 -6.02 16.22
CA VAL B 265 7.03 -4.55 16.37
C VAL B 265 6.19 -4.10 17.53
N ALA B 266 6.75 -3.42 18.54
CA ALA B 266 5.93 -2.73 19.53
C ALA B 266 6.17 -1.23 19.42
N VAL B 267 5.13 -0.46 19.04
CA VAL B 267 5.23 0.98 18.82
C VAL B 267 4.00 1.72 19.30
N MET B 268 4.18 2.91 19.89
CA MET B 268 3.09 3.67 20.47
C MET B 268 1.97 3.98 19.45
N ASN B 269 2.26 4.75 18.40
CA ASN B 269 1.31 5.08 17.35
C ASN B 269 1.81 4.57 15.99
N TYR B 270 0.91 4.04 15.16
CA TYR B 270 1.15 3.67 13.76
C TYR B 270 0.13 4.33 12.82
N LEU B 271 0.53 5.21 11.91
CA LEU B 271 -0.36 5.79 10.88
C LEU B 271 0.31 5.83 9.50
N PRO B 272 -0.32 5.27 8.45
CA PRO B 272 0.00 5.53 7.05
C PRO B 272 -0.33 6.94 6.55
N THR B 273 -0.02 7.97 7.33
CA THR B 273 -0.31 9.38 7.05
C THR B 273 0.88 10.26 7.40
N LEU B 274 0.97 11.49 6.88
CA LEU B 274 1.74 12.55 7.52
C LEU B 274 0.80 13.38 8.40
N GLU B 275 0.48 12.89 9.60
CA GLU B 275 -0.56 13.46 10.47
C GLU B 275 -0.19 14.84 11.01
N HIS B 278 -2.50 20.64 8.69
CA HIS B 278 -3.54 19.61 8.70
C HIS B 278 -3.70 18.77 7.43
N PRO B 279 -3.69 19.33 6.19
CA PRO B 279 -4.40 18.73 5.06
C PRO B 279 -3.88 17.35 4.68
N HIS B 280 -4.80 16.40 4.47
CA HIS B 280 -4.50 14.97 4.39
C HIS B 280 -3.42 14.63 3.37
N ARG B 281 -2.44 13.88 3.84
CA ARG B 281 -1.44 13.17 3.06
C ARG B 281 -1.48 11.69 3.42
N PHE B 282 -1.15 10.84 2.45
CA PHE B 282 -1.03 9.40 2.61
C PHE B 282 0.45 8.99 2.59
N TRP B 283 0.84 8.12 3.52
CA TRP B 283 2.21 7.66 3.77
C TRP B 283 2.23 6.12 3.79
N PRO B 284 2.45 5.46 2.65
CA PRO B 284 2.41 4.00 2.60
C PRO B 284 3.72 3.34 3.06
N ALA B 285 4.79 4.08 3.36
CA ALA B 285 6.15 3.56 3.36
C ALA B 285 6.38 2.31 4.23
N ILE B 286 5.95 2.34 5.50
CA ILE B 286 6.06 1.17 6.40
C ILE B 286 5.01 0.11 6.05
N ASP B 287 3.81 0.53 5.63
CA ASP B 287 2.73 -0.36 5.21
C ASP B 287 3.18 -1.28 4.05
N ASP B 288 3.86 -0.72 3.04
CA ASP B 288 4.40 -1.45 1.91
C ASP B 288 5.52 -2.42 2.30
N GLY B 289 6.45 -2.02 3.16
CA GLY B 289 7.47 -2.90 3.70
C GLY B 289 6.88 -4.12 4.40
N LEU B 290 5.84 -3.94 5.22
CA LEU B 290 5.18 -5.03 5.92
C LEU B 290 4.33 -5.91 5.01
N ARG B 291 3.66 -5.34 4.00
CA ARG B 291 2.91 -6.06 2.94
C ARG B 291 3.84 -6.91 2.10
N ARG B 292 4.90 -6.33 1.59
CA ARG B 292 5.94 -7.01 0.81
C ARG B 292 6.57 -8.14 1.60
N ALA B 293 7.09 -7.84 2.79
CA ALA B 293 7.74 -8.87 3.61
C ALA B 293 6.82 -10.04 3.93
N THR B 294 5.59 -9.77 4.37
CA THR B 294 4.70 -10.88 4.73
C THR B 294 4.26 -11.69 3.51
N TYR B 295 4.15 -11.08 2.34
CA TYR B 295 3.67 -11.80 1.15
C TYR B 295 4.79 -12.53 0.41
N GLU B 296 5.80 -11.79 -0.04
CA GLU B 296 6.89 -12.39 -0.80
C GLU B 296 7.66 -13.42 0.02
N ARG B 297 7.99 -13.11 1.26
CA ARG B 297 8.84 -13.96 2.09
C ARG B 297 8.08 -14.77 3.14
N GLY B 298 6.76 -14.65 3.19
CA GLY B 298 5.98 -15.44 4.14
C GLY B 298 6.21 -15.06 5.59
N VAL B 299 6.97 -14.00 5.84
CA VAL B 299 7.37 -13.61 7.19
C VAL B 299 6.16 -13.41 8.08
N LYS B 300 6.22 -13.98 9.28
CA LYS B 300 5.23 -13.65 10.30
C LYS B 300 5.47 -12.22 10.78
N VAL B 301 4.46 -11.37 10.67
CA VAL B 301 4.54 -10.01 11.20
C VAL B 301 3.60 -9.88 12.40
N ARG B 302 4.14 -9.40 13.51
CA ARG B 302 3.38 -9.02 14.69
C ARG B 302 3.55 -7.52 14.92
N LEU B 303 2.44 -6.77 14.89
CA LEU B 303 2.40 -5.35 15.24
C LEU B 303 1.67 -5.16 16.55
N LEU B 304 2.31 -4.54 17.52
CA LEU B 304 1.75 -4.28 18.84
C LEU B 304 1.72 -2.77 19.05
N ILE B 305 0.54 -2.18 18.88
CA ILE B 305 0.36 -0.73 18.81
C ILE B 305 -0.37 -0.25 20.06
N SER B 306 -0.11 0.98 20.51
CA SER B 306 -0.51 1.44 21.84
C SER B 306 -1.75 2.35 21.84
N CYS B 307 -2.75 2.03 22.67
CA CYS B 307 -4.02 2.76 22.71
C CYS B 307 -4.27 3.50 24.04
N TRP B 308 -4.73 4.75 23.93
CA TRP B 308 -5.03 5.72 25.00
C TRP B 308 -5.94 6.82 24.46
N GLY B 309 -6.46 7.70 25.31
CA GLY B 309 -7.38 8.78 24.94
C GLY B 309 -6.85 9.81 23.96
N HIS B 310 -5.54 9.83 23.67
CA HIS B 310 -4.90 10.75 22.75
C HIS B 310 -4.45 10.09 21.44
N SER B 311 -4.88 8.85 21.20
CA SER B 311 -4.66 8.10 19.94
C SER B 311 -5.58 8.59 18.82
N GLU B 312 -5.01 8.90 17.64
CA GLU B 312 -5.76 9.39 16.49
C GLU B 312 -6.69 8.30 15.92
N PRO B 313 -8.02 8.49 15.82
CA PRO B 313 -8.95 7.45 15.38
C PRO B 313 -8.71 6.90 13.96
N SER B 314 -8.07 7.68 13.08
CA SER B 314 -7.72 7.26 11.72
C SER B 314 -6.70 6.11 11.67
N MET B 315 -6.03 5.79 12.78
CA MET B 315 -5.22 4.56 12.89
C MET B 315 -6.02 3.30 12.61
N ARG B 316 -7.25 3.15 13.13
CA ARG B 316 -7.95 1.87 13.13
C ARG B 316 -8.14 1.29 11.73
N ALA B 317 -8.62 2.07 10.78
CA ALA B 317 -8.80 1.64 9.40
C ALA B 317 -7.49 1.16 8.78
N PHE B 318 -6.40 1.90 9.00
CA PHE B 318 -5.09 1.53 8.47
C PHE B 318 -4.44 0.32 9.16
N LEU B 319 -4.76 0.02 10.41
CA LEU B 319 -4.36 -1.22 11.07
C LEU B 319 -5.15 -2.41 10.54
N LEU B 320 -6.48 -2.28 10.41
CA LEU B 320 -7.34 -3.31 9.80
C LEU B 320 -6.96 -3.61 8.35
N SER B 321 -6.42 -2.63 7.62
CA SER B 321 -5.92 -2.82 6.27
C SER B 321 -4.64 -3.65 6.15
N LEU B 322 -3.90 -3.83 7.25
CA LEU B 322 -2.81 -4.82 7.36
C LEU B 322 -3.30 -6.16 7.91
N ALA B 323 -4.17 -6.18 8.93
CA ALA B 323 -4.73 -7.40 9.49
C ALA B 323 -5.55 -8.25 8.49
N ALA B 324 -6.06 -7.67 7.41
CA ALA B 324 -6.77 -8.35 6.33
C ALA B 324 -5.87 -9.24 5.45
N LEU B 325 -4.54 -9.06 5.48
CA LEU B 325 -3.56 -9.88 4.77
C LEU B 325 -3.31 -11.23 5.49
N ARG B 326 -4.38 -12.03 5.70
CA ARG B 326 -4.31 -13.23 6.54
C ARG B 326 -5.49 -14.13 6.20
N ASP B 327 -5.21 -15.39 5.93
CA ASP B 327 -6.22 -16.44 5.99
C ASP B 327 -5.53 -17.78 6.29
N HIS B 329 -3.59 -20.89 4.24
CA HIS B 329 -3.69 -20.47 2.85
C HIS B 329 -2.41 -19.76 2.43
N THR B 330 -2.19 -19.66 1.12
CA THR B 330 -0.97 -19.09 0.56
C THR B 330 0.27 -19.79 1.09
N SER B 332 1.48 -16.11 4.30
CA SER B 332 1.43 -14.67 4.54
C SER B 332 0.51 -14.35 5.72
N ASP B 333 1.03 -13.58 6.68
CA ASP B 333 0.42 -13.51 8.00
C ASP B 333 0.93 -12.23 8.66
N ILE B 334 0.08 -11.21 8.72
CA ILE B 334 0.23 -10.10 9.64
C ILE B 334 -0.84 -10.19 10.71
N GLN B 335 -0.43 -10.10 11.97
CA GLN B 335 -1.34 -10.02 13.10
C GLN B 335 -1.06 -8.73 13.86
N VAL B 336 -2.12 -8.10 14.37
CA VAL B 336 -2.06 -6.78 15.00
C VAL B 336 -2.72 -6.85 16.36
N LYS B 337 -2.09 -6.28 17.38
CA LYS B 337 -2.60 -6.27 18.74
C LYS B 337 -2.46 -4.88 19.36
N LEU B 338 -3.33 -4.59 20.31
CA LEU B 338 -3.51 -3.30 20.96
C LEU B 338 -2.96 -3.35 22.38
N PHE B 339 -1.83 -2.69 22.65
CA PHE B 339 -1.33 -2.57 24.00
C PHE B 339 -2.02 -1.44 24.74
N VAL B 340 -2.56 -1.73 25.92
CA VAL B 340 -3.25 -0.71 26.72
C VAL B 340 -2.85 -0.90 28.18
N VAL B 341 -2.14 0.10 28.72
CA VAL B 341 -1.83 0.23 30.14
C VAL B 341 -3.07 0.60 30.94
N PRO B 342 -3.53 -0.26 31.86
CA PRO B 342 -4.77 -0.04 32.62
C PRO B 342 -4.77 1.25 33.44
N ALA B 346 -7.82 7.22 39.34
CA ALA B 346 -6.89 7.90 40.23
C ALA B 346 -5.59 8.21 39.53
N GLN B 347 -5.09 7.26 38.74
CA GLN B 347 -4.03 7.56 37.79
C GLN B 347 -4.56 8.29 36.56
N ALA B 348 -5.85 8.16 36.27
CA ALA B 348 -6.47 8.89 35.16
C ALA B 348 -6.51 10.39 35.41
N ARG B 349 -6.39 10.83 36.66
CA ARG B 349 -6.32 12.25 36.95
C ARG B 349 -5.02 12.89 36.48
N ILE B 350 -4.06 12.10 36.05
CA ILE B 350 -2.73 12.59 35.72
C ILE B 350 -2.68 12.81 34.21
N PRO B 351 -2.27 13.99 33.74
CA PRO B 351 -2.10 14.21 32.31
C PRO B 351 -0.97 13.37 31.72
N TYR B 352 -1.25 12.74 30.57
CA TYR B 352 -0.30 11.91 29.82
C TYR B 352 0.22 10.70 30.60
N ALA B 353 -0.47 10.28 31.65
CA ALA B 353 -0.11 9.02 32.29
C ALA B 353 -0.71 7.84 31.54
N ARG B 354 -0.33 6.63 31.96
CA ARG B 354 -0.98 5.39 31.54
C ARG B 354 -0.98 5.22 30.02
N VAL B 355 0.17 5.30 29.37
CA VAL B 355 0.32 4.76 28.02
C VAL B 355 1.49 3.80 28.02
N ASN B 356 1.53 2.86 27.08
CA ASN B 356 2.77 2.22 26.73
C ASN B 356 3.44 3.05 25.65
N HIS B 357 4.48 3.77 26.02
CA HIS B 357 5.21 4.64 25.13
C HIS B 357 6.21 3.88 24.26
N ASN B 358 6.36 2.56 24.39
CA ASN B 358 7.44 1.78 23.75
C ASN B 358 7.51 1.88 22.23
N LYS B 359 8.70 1.73 21.66
CA LYS B 359 8.97 1.94 20.22
C LYS B 359 10.17 1.10 19.75
N TYR B 360 9.99 -0.20 19.59
CA TYR B 360 11.04 -1.14 19.19
C TYR B 360 10.50 -2.22 18.22
N MET B 361 11.40 -2.94 17.59
CA MET B 361 11.11 -4.10 16.74
C MET B 361 12.19 -5.17 16.88
N VAL B 362 11.85 -6.45 16.70
CA VAL B 362 12.84 -7.53 16.72
C VAL B 362 12.47 -8.59 15.69
N THR B 363 13.48 -9.13 15.01
CA THR B 363 13.32 -10.21 14.04
C THR B 363 14.15 -11.41 14.50
N GLU B 364 14.18 -12.47 13.68
CA GLU B 364 15.11 -13.57 13.91
C GLU B 364 16.57 -13.15 13.74
N ARG B 365 16.79 -11.88 13.38
CA ARG B 365 18.05 -11.46 12.78
C ARG B 365 18.56 -10.12 13.31
N ALA B 366 17.69 -9.27 13.86
CA ALA B 366 18.06 -7.89 14.18
C ALA B 366 17.20 -7.40 15.33
N THR B 367 17.64 -6.29 15.93
CA THR B 367 16.84 -5.52 16.87
C THR B 367 16.77 -4.08 16.40
N TYR B 368 15.75 -3.37 16.83
CA TYR B 368 15.53 -1.94 16.58
C TYR B 368 14.95 -1.35 17.85
N ILE B 369 15.67 -0.54 18.64
CA ILE B 369 15.09 0.22 19.74
C ILE B 369 15.05 1.68 19.33
N GLY B 370 13.88 2.32 19.31
CA GLY B 370 13.68 3.70 18.85
C GLY B 370 12.94 4.63 19.82
N THR B 371 12.85 5.91 19.42
CA THR B 371 12.13 7.00 20.11
C THR B 371 11.07 7.67 19.25
N SER B 372 11.03 7.44 17.93
CA SER B 372 10.02 7.91 16.98
C SER B 372 8.77 7.03 17.01
N ASN B 373 7.58 7.61 16.90
CA ASN B 373 6.37 6.83 16.61
C ASN B 373 6.28 6.55 15.11
N TRP B 374 5.46 5.60 14.68
CA TRP B 374 5.44 5.16 13.29
C TRP B 374 4.36 5.88 12.48
N SER B 375 4.57 7.17 12.21
CA SER B 375 3.74 7.99 11.33
C SER B 375 4.64 8.92 10.54
N GLY B 376 4.22 9.37 9.36
CA GLY B 376 5.16 9.92 8.38
C GLY B 376 5.83 11.21 8.81
N ASN B 377 5.18 11.99 9.68
CA ASN B 377 5.71 13.18 10.31
C ASN B 377 6.94 12.87 11.19
N TYR B 378 6.94 11.77 11.95
CA TYR B 378 8.08 11.34 12.78
C TYR B 378 9.33 10.97 11.99
N PHE B 379 9.22 10.69 10.70
CA PHE B 379 10.34 10.39 9.81
C PHE B 379 10.66 11.53 8.82
N THR B 380 10.07 12.72 8.97
CA THR B 380 10.21 13.84 8.00
C THR B 380 10.25 15.21 8.66
N GLU B 381 9.44 15.44 9.68
CA GLU B 381 9.19 16.73 10.33
C GLU B 381 9.57 16.75 11.82
N THR B 382 9.51 15.62 12.52
CA THR B 382 9.77 15.48 13.96
C THR B 382 11.08 14.77 14.22
N ALA B 383 11.80 15.14 15.28
CA ALA B 383 13.03 14.49 15.70
C ALA B 383 12.77 13.14 16.41
N GLY B 384 13.62 12.16 16.13
CA GLY B 384 13.58 10.81 16.71
C GLY B 384 14.91 10.10 16.49
N THR B 385 15.18 9.03 17.23
CA THR B 385 16.40 8.21 17.07
C THR B 385 16.12 6.74 17.33
N SER B 386 16.96 5.83 16.83
CA SER B 386 16.87 4.41 17.18
C SER B 386 18.20 3.65 17.18
N LEU B 387 18.29 2.64 18.05
CA LEU B 387 19.41 1.70 18.09
C LEU B 387 19.02 0.39 17.40
N LEU B 388 19.89 -0.12 16.53
CA LEU B 388 19.71 -1.42 15.91
C LEU B 388 20.90 -2.32 16.25
N VAL B 389 20.62 -3.51 16.79
CA VAL B 389 21.65 -4.50 17.13
C VAL B 389 21.31 -5.84 16.51
N THR B 390 22.21 -6.39 15.70
CA THR B 390 22.14 -7.76 15.19
C THR B 390 23.19 -8.60 15.88
N GLN B 391 22.76 -9.72 16.47
CA GLN B 391 23.72 -10.77 16.81
C GLN B 391 23.07 -12.15 16.69
N ASN B 392 23.91 -13.14 16.41
CA ASN B 392 23.52 -14.51 16.14
C ASN B 392 23.58 -15.39 17.39
N GLY B 393 22.92 -16.53 17.30
CA GLY B 393 22.83 -17.50 18.38
C GLY B 393 21.72 -17.22 19.38
N ARG B 394 21.64 -18.12 20.36
CA ARG B 394 20.76 -17.96 21.51
C ARG B 394 21.33 -16.94 22.50
N GLY B 395 20.48 -16.55 23.45
CA GLY B 395 20.84 -15.55 24.44
C GLY B 395 21.04 -14.19 23.82
N GLY B 396 21.79 -13.36 24.52
CA GLY B 396 22.10 -12.03 24.05
C GLY B 396 20.91 -11.09 23.95
N LEU B 397 21.21 -9.90 23.46
CA LEU B 397 20.25 -8.80 23.45
C LEU B 397 19.06 -9.14 22.58
N ARG B 398 19.30 -9.68 21.39
CA ARG B 398 18.20 -9.94 20.46
C ARG B 398 17.17 -10.86 21.08
N SER B 399 17.59 -11.92 21.77
CA SER B 399 16.63 -12.82 22.40
C SER B 399 16.05 -12.27 23.69
N GLN B 400 16.77 -11.39 24.40
CA GLN B 400 16.16 -10.72 25.54
C GLN B 400 15.04 -9.78 25.09
N LEU B 401 15.31 -8.98 24.07
CA LEU B 401 14.28 -8.13 23.47
C LEU B 401 13.12 -8.94 22.89
N GLU B 402 13.41 -10.06 22.23
CA GLU B 402 12.33 -10.92 21.77
C GLU B 402 11.51 -11.48 22.93
N ALA B 403 12.16 -11.88 24.02
CA ALA B 403 11.41 -12.37 25.19
C ALA B 403 10.57 -11.28 25.84
N ILE B 404 11.07 -10.05 25.85
CA ILE B 404 10.25 -8.87 26.19
C ILE B 404 9.04 -8.75 25.26
N PHE B 405 9.25 -8.77 23.95
CA PHE B 405 8.13 -8.68 23.03
C PHE B 405 7.13 -9.80 23.27
N LEU B 406 7.61 -11.03 23.43
CA LEU B 406 6.74 -12.17 23.66
C LEU B 406 5.91 -12.01 24.92
N ARG B 407 6.52 -11.57 26.02
CA ARG B 407 5.74 -11.41 27.24
C ARG B 407 4.79 -10.21 27.17
N ASP B 408 5.16 -9.14 26.49
CA ASP B 408 4.20 -8.08 26.15
C ASP B 408 3.02 -8.63 25.35
N TRP B 409 3.31 -9.29 24.22
CA TRP B 409 2.30 -9.83 23.32
C TRP B 409 1.38 -10.82 24.02
N ASP B 410 1.93 -11.68 24.87
CA ASP B 410 1.10 -12.61 25.64
C ASP B 410 0.43 -11.95 26.85
N SER B 411 0.82 -10.74 27.21
CA SER B 411 0.25 -10.07 28.37
C SER B 411 -1.26 -9.94 28.24
N PRO B 412 -1.97 -9.91 29.36
CA PRO B 412 -3.33 -9.33 29.35
C PRO B 412 -3.38 -7.92 28.81
N TYR B 413 -2.30 -7.16 28.97
CA TYR B 413 -2.19 -5.81 28.43
C TYR B 413 -2.05 -5.75 26.92
N SER B 414 -2.09 -6.87 26.20
CA SER B 414 -2.21 -6.85 24.75
C SER B 414 -3.52 -7.53 24.35
N HIS B 415 -4.40 -6.75 23.75
CA HIS B 415 -5.71 -7.19 23.29
C HIS B 415 -5.71 -7.33 21.77
N ASP B 416 -6.76 -7.95 21.23
CA ASP B 416 -6.87 -8.10 19.75
C ASP B 416 -7.29 -6.75 19.16
N LEU B 417 -7.21 -6.57 17.84
CA LEU B 417 -7.57 -5.31 17.13
C LEU B 417 -9.09 -5.11 17.04
N ASP B 418 -9.90 -5.98 17.63
CA ASP B 418 -11.35 -5.89 17.71
C ASP B 418 -11.91 -6.16 19.12
N THR B 419 -11.12 -5.95 20.18
CA THR B 419 -11.57 -6.11 21.58
C THR B 419 -12.67 -5.12 21.95
N SER B 420 -13.62 -5.58 22.77
CA SER B 420 -14.68 -4.70 23.25
C SER B 420 -14.10 -3.55 24.08
N ALA B 421 -14.36 -2.31 23.65
CA ALA B 421 -13.58 -1.17 24.10
C ALA B 421 -13.61 -1.02 25.61
N ASP B 422 -14.77 -1.27 26.23
CA ASP B 422 -14.87 -1.13 27.67
C ASP B 422 -14.06 -2.18 28.40
N SER B 423 -13.78 -3.31 27.74
CA SER B 423 -13.00 -4.35 28.39
C SER B 423 -11.53 -3.97 28.48
N VAL B 424 -11.10 -2.96 27.71
CA VAL B 424 -9.67 -2.69 27.61
C VAL B 424 -9.10 -2.03 28.85
N GLY B 425 -9.98 -1.53 29.73
CA GLY B 425 -9.52 -0.93 31.01
C GLY B 425 -8.79 0.38 30.78
N ASN B 426 -9.19 1.13 29.75
CA ASN B 426 -8.57 2.46 29.47
C ASN B 426 -9.34 3.13 28.32
N ALA B 427 -8.99 4.34 27.89
CA ALA B 427 -9.62 5.02 26.78
C ALA B 427 -9.22 4.35 25.45
N CYS B 428 -10.00 3.37 25.00
CA CYS B 428 -9.75 2.64 23.72
C CYS B 428 -10.24 3.52 22.56
N ARG B 429 -9.74 4.75 22.42
CA ARG B 429 -10.23 5.75 21.45
C ARG B 429 -10.08 5.32 20.00
N LEU B 430 -8.94 4.73 19.66
CA LEU B 430 -8.70 4.07 18.38
C LEU B 430 -9.57 2.82 18.23
N LEU B 431 -9.40 1.83 19.10
CA LEU B 431 -10.24 0.64 19.13
C LEU B 431 -11.50 0.90 19.97
#